data_7RK0
#
_entry.id   7RK0
#
_cell.length_a   89.889
_cell.length_b   89.685
_cell.length_c   131.813
_cell.angle_alpha   90.000
_cell.angle_beta   96.979
_cell.angle_gamma   90.000
#
_symmetry.space_group_name_H-M   'I 1 2 1'
#
loop_
_entity.id
_entity.type
_entity.pdbx_description
1 polymer 'Thiamine thiazole synthase'
2 non-polymer 'FE (III) ION'
3 non-polymer '2-[(E)-[(4R)-5-[[[(2R,3S,4R,5R)-5-(6-aminopurin-9-yl)-3,4-bis(oxidanyl)oxolan-2-yl]methoxy-oxidanyl-phosphoryl]oxy-oxidanyl-phosphoryl]oxy-4-oxidanyl-3-oxidanylidene-pentan-2-ylidene]amino]ethanoic acid'
4 water water
#
_entity_poly.entity_id   1
_entity_poly.type   'polypeptide(L)'
_entity_poly.pdbx_seq_one_letter_code
;MQNLSEVVISEAIITAFMEKLKSHLETDVAIVGGGPSGLVAGYYLAKKGYRVAIFERRLSIGGGMWAGAMFFNEIVVQEM
GREILDEFGVNYREFKPGYYLADAVEATTTIASKAVKAGATVFNGVTAEDVVLKQVNGQYRVCGLVINWTTVELNHLMVD
PLVITAKYVVDATGHDASVVSTLQRKAGIKLNTETGCVVGEKPLWASVGEEDTVKNSKEVFPGIYVSGMAANATCGSHRM
GPVFGGMLMSGKKVAEEIAAKLNQNKEA
;
_entity_poly.pdbx_strand_id   A,B,C,D
#
# COMPACT_ATOMS: atom_id res chain seq x y z
N ASN A 3 -20.59 25.92 -34.09
CA ASN A 3 -21.30 25.77 -32.82
C ASN A 3 -20.44 26.11 -31.59
N LEU A 4 -19.30 25.42 -31.42
CA LEU A 4 -18.56 25.42 -30.16
C LEU A 4 -17.10 25.68 -30.50
N SER A 5 -16.59 26.87 -30.21
CA SER A 5 -15.26 27.26 -30.68
C SER A 5 -14.19 26.80 -29.71
N GLU A 6 -13.26 25.99 -30.22
CA GLU A 6 -12.10 25.57 -29.44
C GLU A 6 -11.34 26.76 -28.88
N VAL A 7 -11.40 27.89 -29.56
CA VAL A 7 -10.54 29.02 -29.25
C VAL A 7 -11.14 29.92 -28.20
N VAL A 8 -12.44 30.20 -28.28
CA VAL A 8 -13.09 30.91 -27.18
C VAL A 8 -12.79 30.19 -25.87
N ILE A 9 -12.72 28.85 -25.93
CA ILE A 9 -12.48 28.04 -24.75
C ILE A 9 -11.05 28.24 -24.25
N SER A 10 -10.05 28.10 -25.13
CA SER A 10 -8.68 28.41 -24.73
C SER A 10 -8.55 29.87 -24.28
N GLU A 11 -9.08 30.80 -25.08
CA GLU A 11 -9.07 32.20 -24.68
C GLU A 11 -9.70 32.41 -23.30
N ALA A 12 -10.79 31.71 -23.01
CA ALA A 12 -11.46 31.90 -21.73
C ALA A 12 -10.60 31.37 -20.58
N ILE A 13 -10.09 30.14 -20.73
CA ILE A 13 -9.21 29.57 -19.73
C ILE A 13 -7.96 30.43 -19.56
N ILE A 14 -7.40 30.90 -20.66
CA ILE A 14 -6.21 31.74 -20.55
C ILE A 14 -6.54 33.06 -19.87
N THR A 15 -7.56 33.76 -20.34
CA THR A 15 -7.84 35.08 -19.79
C THR A 15 -8.13 35.01 -18.29
N ALA A 16 -8.96 34.05 -17.88
CA ALA A 16 -9.42 34.03 -16.50
C ALA A 16 -8.29 33.75 -15.54
N PHE A 17 -7.54 32.67 -15.79
CA PHE A 17 -6.47 32.28 -14.88
C PHE A 17 -5.52 33.41 -14.65
N MET A 18 -5.33 34.24 -15.66
CA MET A 18 -4.21 35.16 -15.66
C MET A 18 -4.60 36.53 -15.13
N GLU A 19 -5.84 36.93 -15.31
CA GLU A 19 -6.44 37.89 -14.39
C GLU A 19 -6.36 37.40 -12.95
N LYS A 20 -6.71 36.12 -12.72
CA LYS A 20 -6.69 35.58 -11.36
C LYS A 20 -5.29 35.63 -10.76
N LEU A 21 -4.27 35.42 -11.58
CA LEU A 21 -2.93 35.40 -11.02
C LEU A 21 -2.35 36.81 -10.91
N LYS A 22 -2.66 37.70 -11.86
CA LYS A 22 -2.38 39.12 -11.64
C LYS A 22 -3.03 39.62 -10.36
N SER A 23 -4.24 39.14 -10.07
CA SER A 23 -4.99 39.63 -8.91
C SER A 23 -4.26 39.35 -7.61
N HIS A 24 -3.59 38.21 -7.49
CA HIS A 24 -3.01 37.77 -6.23
C HIS A 24 -1.50 37.93 -6.19
N LEU A 25 -0.93 38.70 -7.12
CA LEU A 25 0.45 39.14 -6.96
C LEU A 25 0.63 39.95 -5.68
N GLU A 26 -0.45 40.53 -5.15
CA GLU A 26 -0.52 41.01 -3.77
C GLU A 26 -1.72 40.39 -3.12
N THR A 27 -1.48 39.63 -2.06
CA THR A 27 -2.55 39.20 -1.17
C THR A 27 -2.20 39.66 0.23
N ASP A 28 -3.21 39.67 1.11
CA ASP A 28 -2.91 39.88 2.51
C ASP A 28 -2.16 38.69 3.09
N VAL A 29 -2.66 37.49 2.83
CA VAL A 29 -2.09 36.27 3.39
C VAL A 29 -1.90 35.26 2.26
N ALA A 30 -0.67 34.77 2.13
CA ALA A 30 -0.33 33.68 1.22
C ALA A 30 -0.10 32.46 2.10
N ILE A 31 -0.99 31.48 1.98
CA ILE A 31 -0.87 30.21 2.69
C ILE A 31 -0.15 29.22 1.78
N VAL A 32 0.83 28.51 2.34
CA VAL A 32 1.58 27.50 1.63
C VAL A 32 1.12 26.13 2.09
N GLY A 33 0.53 25.37 1.18
CA GLY A 33 0.05 24.06 1.53
C GLY A 33 -1.46 24.09 1.70
N GLY A 34 -2.13 23.19 0.98
CA GLY A 34 -3.57 23.08 1.03
C GLY A 34 -4.05 21.87 1.79
N GLY A 35 -3.33 21.46 2.83
CA GLY A 35 -3.82 20.48 3.77
C GLY A 35 -4.97 21.04 4.59
N PRO A 36 -5.40 20.33 5.62
CA PRO A 36 -6.54 20.84 6.43
C PRO A 36 -6.25 22.17 7.08
N SER A 37 -5.10 22.31 7.76
CA SER A 37 -4.84 23.56 8.47
C SER A 37 -4.71 24.73 7.51
N GLY A 38 -3.99 24.54 6.39
CA GLY A 38 -3.93 25.56 5.37
C GLY A 38 -5.30 25.99 4.87
N LEU A 39 -6.20 25.01 4.64
CA LEU A 39 -7.52 25.34 4.09
C LEU A 39 -8.40 26.01 5.14
N VAL A 40 -8.35 25.54 6.38
CA VAL A 40 -9.18 26.15 7.40
C VAL A 40 -8.74 27.58 7.68
N ALA A 41 -7.43 27.83 7.76
CA ALA A 41 -6.93 29.20 7.90
C ALA A 41 -7.46 30.09 6.78
N GLY A 42 -7.31 29.66 5.52
CA GLY A 42 -7.76 30.48 4.40
C GLY A 42 -9.26 30.66 4.37
N TYR A 43 -10.00 29.68 4.87
CA TYR A 43 -11.44 29.87 5.01
C TYR A 43 -11.76 31.08 5.88
N TYR A 44 -11.29 31.05 7.14
CA TYR A 44 -11.64 32.10 8.09
C TYR A 44 -11.11 33.45 7.64
N LEU A 45 -9.88 33.50 7.10
CA LEU A 45 -9.38 34.77 6.59
C LEU A 45 -10.21 35.26 5.41
N ALA A 46 -10.63 34.36 4.54
CA ALA A 46 -11.52 34.79 3.46
C ALA A 46 -12.92 35.11 3.99
N LYS A 47 -13.31 34.48 5.10
CA LYS A 47 -14.58 34.83 5.73
C LYS A 47 -14.55 36.26 6.26
N LYS A 48 -13.51 36.61 7.06
CA LYS A 48 -13.27 37.97 7.56
C LYS A 48 -12.98 38.99 6.45
N GLY A 49 -13.00 38.60 5.18
CA GLY A 49 -12.90 39.54 4.06
C GLY A 49 -11.50 39.75 3.48
N TYR A 50 -10.45 39.22 4.11
CA TYR A 50 -9.10 39.44 3.58
C TYR A 50 -8.90 38.67 2.26
N ARG A 51 -7.84 39.04 1.56
CA ARG A 51 -7.52 38.45 0.27
C ARG A 51 -6.48 37.34 0.48
N VAL A 52 -6.88 36.11 0.17
CA VAL A 52 -6.18 34.90 0.59
C VAL A 52 -5.81 34.12 -0.66
N ALA A 53 -4.53 33.80 -0.80
CA ALA A 53 -4.08 32.87 -1.82
C ALA A 53 -3.53 31.62 -1.14
N ILE A 54 -3.80 30.46 -1.73
CA ILE A 54 -3.31 29.18 -1.25
C ILE A 54 -2.44 28.55 -2.33
N PHE A 55 -1.23 28.14 -1.97
CA PHE A 55 -0.27 27.64 -2.95
C PHE A 55 0.05 26.18 -2.66
N GLU A 56 -0.46 25.28 -3.52
CA GLU A 56 -0.54 23.86 -3.21
C GLU A 56 0.35 23.07 -4.16
N ARG A 57 1.29 22.30 -3.59
CA ARG A 57 2.28 21.59 -4.37
C ARG A 57 1.65 20.59 -5.34
N ARG A 58 0.61 19.90 -4.91
CA ARG A 58 0.00 18.88 -5.74
C ARG A 58 -1.21 19.45 -6.48
N LEU A 59 -1.60 18.76 -7.55
CA LEU A 59 -2.76 19.23 -8.30
C LEU A 59 -4.01 19.21 -7.44
N SER A 60 -4.09 18.27 -6.52
CA SER A 60 -5.20 18.25 -5.58
C SER A 60 -4.80 18.88 -4.25
N ILE A 61 -5.79 19.45 -3.59
CA ILE A 61 -5.71 19.91 -2.21
C ILE A 61 -6.06 18.76 -1.28
N GLY A 62 -5.97 19.00 0.03
CA GLY A 62 -6.39 18.05 1.04
C GLY A 62 -5.23 17.47 1.84
N GLY A 63 -4.04 17.43 1.26
CA GLY A 63 -2.90 16.94 2.01
C GLY A 63 -3.11 15.50 2.42
N GLY A 64 -2.76 15.21 3.68
CA GLY A 64 -2.84 13.89 4.25
C GLY A 64 -4.19 13.52 4.87
N MET A 65 -5.25 14.27 4.59
CA MET A 65 -6.56 13.90 5.12
C MET A 65 -7.27 12.86 4.26
N TRP A 66 -7.04 12.87 2.94
CA TRP A 66 -7.74 11.98 2.01
C TRP A 66 -7.74 10.54 2.48
N ALA A 67 -6.57 10.05 2.93
CA ALA A 67 -6.39 8.63 3.13
C ALA A 67 -6.74 8.16 4.53
N GLY A 68 -7.03 9.08 5.45
CA GLY A 68 -7.40 8.69 6.80
C GLY A 68 -6.20 8.17 7.55
N ALA A 69 -6.19 6.88 7.87
CA ALA A 69 -5.01 6.23 8.41
C ALA A 69 -4.84 4.89 7.70
N MET A 70 -3.70 4.70 7.05
CA MET A 70 -3.38 3.46 6.34
C MET A 70 -4.42 3.09 5.26
N PHE A 71 -4.88 4.09 4.51
CA PHE A 71 -5.94 4.01 3.50
C PHE A 71 -7.33 3.78 4.09
N PHE A 72 -7.46 3.62 5.41
CA PHE A 72 -8.78 3.48 6.03
C PHE A 72 -9.33 4.89 6.19
N ASN A 73 -10.14 5.33 5.22
CA ASN A 73 -10.39 6.75 5.03
C ASN A 73 -11.49 7.27 5.98
N GLU A 74 -11.25 7.07 7.26
CA GLU A 74 -12.08 7.61 8.33
C GLU A 74 -11.19 8.48 9.19
N ILE A 75 -11.56 9.73 9.39
CA ILE A 75 -10.78 10.59 10.26
C ILE A 75 -11.49 10.72 11.61
N VAL A 76 -10.69 10.98 12.65
CA VAL A 76 -11.19 11.20 13.99
C VAL A 76 -10.88 12.63 14.40
N VAL A 77 -11.84 13.27 15.04
CA VAL A 77 -11.63 14.52 15.76
C VAL A 77 -12.13 14.33 17.19
N GLN A 78 -11.51 15.04 18.13
CA GLN A 78 -12.01 15.10 19.49
C GLN A 78 -13.01 16.26 19.57
N GLU A 79 -13.35 16.71 20.79
CA GLU A 79 -14.37 17.75 20.93
C GLU A 79 -13.88 19.07 20.34
N MET A 80 -12.62 19.43 20.62
CA MET A 80 -11.99 20.53 19.90
C MET A 80 -11.75 20.10 18.46
N GLY A 81 -12.40 20.79 17.53
CA GLY A 81 -12.40 20.42 16.13
C GLY A 81 -13.72 19.85 15.65
N ARG A 82 -14.42 19.09 16.52
CA ARG A 82 -15.83 18.82 16.27
C ARG A 82 -16.61 20.10 16.02
N GLU A 83 -16.34 21.16 16.79
CA GLU A 83 -16.99 22.44 16.51
C GLU A 83 -16.47 23.09 15.24
N ILE A 84 -15.35 22.62 14.69
CA ILE A 84 -14.92 23.11 13.39
C ILE A 84 -15.52 22.29 12.26
N LEU A 85 -15.77 20.99 12.48
CA LEU A 85 -16.55 20.24 11.53
C LEU A 85 -17.96 20.78 11.38
N ASP A 86 -18.39 21.68 12.29
CA ASP A 86 -19.78 22.15 12.27
C ASP A 86 -20.01 23.25 11.22
N GLU A 87 -19.18 24.30 11.20
CA GLU A 87 -19.41 25.40 10.26
C GLU A 87 -19.14 24.99 8.82
N PHE A 88 -18.14 24.14 8.60
CA PHE A 88 -18.00 23.58 7.26
C PHE A 88 -19.11 22.56 6.95
N GLY A 89 -19.80 22.04 7.96
CA GLY A 89 -20.92 21.17 7.71
C GLY A 89 -20.55 19.72 7.47
N VAL A 90 -19.42 19.28 8.03
CA VAL A 90 -18.97 17.91 7.83
C VAL A 90 -19.80 16.98 8.72
N ASN A 91 -20.50 16.04 8.11
CA ASN A 91 -21.21 15.04 8.90
C ASN A 91 -20.25 14.24 9.77
N TYR A 92 -20.69 13.95 10.99
CA TYR A 92 -19.90 13.15 11.92
C TYR A 92 -20.86 12.44 12.87
N ARG A 93 -20.58 11.19 13.17
CA ARG A 93 -21.28 10.52 14.25
C ARG A 93 -20.31 10.27 15.40
N GLU A 94 -20.86 10.15 16.60
CA GLU A 94 -20.06 9.93 17.79
C GLU A 94 -19.74 8.46 17.94
N PHE A 95 -18.46 8.16 18.10
CA PHE A 95 -18.01 6.80 18.30
C PHE A 95 -17.87 6.45 19.78
N LYS A 96 -17.28 7.36 20.56
CA LYS A 96 -17.24 7.26 22.03
C LYS A 96 -17.19 8.72 22.55
N PRO A 97 -17.52 8.85 23.87
CA PRO A 97 -17.46 10.21 24.46
C PRO A 97 -16.23 11.02 24.09
N GLY A 98 -16.44 12.12 23.37
CA GLY A 98 -15.37 12.98 22.92
C GLY A 98 -14.63 12.54 21.68
N TYR A 99 -15.15 11.55 20.94
CA TYR A 99 -14.49 11.05 19.73
C TYR A 99 -15.49 11.01 18.59
N TYR A 100 -15.27 11.82 17.57
CA TYR A 100 -16.23 11.98 16.47
C TYR A 100 -15.63 11.53 15.15
N LEU A 101 -16.19 10.46 14.58
CA LEU A 101 -15.76 9.95 13.27
C LEU A 101 -16.33 10.80 12.14
N ALA A 102 -15.53 11.01 11.11
CA ALA A 102 -16.05 11.58 9.87
C ALA A 102 -15.45 10.82 8.70
N ASP A 103 -16.08 10.98 7.53
CA ASP A 103 -15.58 10.33 6.33
C ASP A 103 -14.47 11.19 5.72
N ALA A 104 -13.33 10.56 5.44
CA ALA A 104 -12.16 11.35 5.07
C ALA A 104 -12.40 12.14 3.80
N VAL A 105 -13.00 11.50 2.79
CA VAL A 105 -13.27 12.19 1.52
C VAL A 105 -14.27 13.32 1.73
N GLU A 106 -15.31 13.09 2.54
CA GLU A 106 -16.33 14.13 2.73
C GLU A 106 -15.72 15.37 3.39
N ALA A 107 -15.04 15.19 4.53
CA ALA A 107 -14.44 16.31 5.23
C ALA A 107 -13.51 17.11 4.32
N THR A 108 -12.64 16.41 3.58
CA THR A 108 -11.64 17.10 2.77
C THR A 108 -12.30 17.96 1.71
N THR A 109 -13.26 17.39 0.97
CA THR A 109 -13.89 18.12 -0.13
C THR A 109 -14.81 19.22 0.37
N THR A 110 -15.50 18.99 1.48
CA THR A 110 -16.43 19.98 2.00
C THR A 110 -15.68 21.18 2.56
N ILE A 111 -14.67 20.91 3.41
CA ILE A 111 -13.79 21.96 3.89
C ILE A 111 -13.23 22.76 2.72
N ALA A 112 -12.71 22.06 1.73
CA ALA A 112 -12.02 22.72 0.64
C ALA A 112 -12.98 23.52 -0.24
N SER A 113 -14.19 23.00 -0.44
CA SER A 113 -15.20 23.72 -1.22
C SER A 113 -15.66 24.97 -0.50
N LYS A 114 -15.90 24.88 0.80
CA LYS A 114 -16.33 26.08 1.52
C LYS A 114 -15.20 27.09 1.62
N ALA A 115 -13.95 26.64 1.69
CA ALA A 115 -12.82 27.57 1.74
C ALA A 115 -12.69 28.35 0.44
N VAL A 116 -12.83 27.67 -0.71
CA VAL A 116 -12.71 28.37 -1.98
C VAL A 116 -13.94 29.21 -2.27
N LYS A 117 -15.11 28.76 -1.81
CA LYS A 117 -16.34 29.53 -1.95
C LYS A 117 -16.31 30.80 -1.10
N ALA A 118 -15.57 30.79 0.01
CA ALA A 118 -15.46 31.99 0.85
C ALA A 118 -14.55 33.05 0.23
N GLY A 119 -13.80 32.72 -0.81
CA GLY A 119 -12.95 33.67 -1.50
C GLY A 119 -11.49 33.26 -1.61
N ALA A 120 -11.05 32.27 -0.83
CA ALA A 120 -9.66 31.83 -0.89
C ALA A 120 -9.32 31.27 -2.26
N THR A 121 -8.44 31.94 -2.99
CA THR A 121 -8.01 31.40 -4.28
C THR A 121 -7.04 30.25 -4.07
N VAL A 122 -7.15 29.23 -4.92
CA VAL A 122 -6.24 28.11 -4.91
C VAL A 122 -5.41 28.11 -6.20
N PHE A 123 -4.10 27.99 -6.03
CA PHE A 123 -3.16 27.75 -7.13
C PHE A 123 -2.52 26.40 -6.83
N ASN A 124 -2.96 25.35 -7.54
CA ASN A 124 -2.43 24.01 -7.36
C ASN A 124 -1.39 23.72 -8.44
N GLY A 125 -0.51 22.76 -8.14
CA GLY A 125 0.65 22.50 -8.96
C GLY A 125 1.80 23.46 -8.73
N VAL A 126 1.73 24.27 -7.68
CA VAL A 126 2.64 25.39 -7.48
C VAL A 126 3.40 25.11 -6.20
N THR A 127 4.72 25.01 -6.31
CA THR A 127 5.58 24.81 -5.14
C THR A 127 6.08 26.15 -4.63
N ALA A 128 5.82 26.46 -3.36
CA ALA A 128 6.54 27.54 -2.70
C ALA A 128 8.01 27.14 -2.56
N GLU A 129 8.89 27.90 -3.19
CA GLU A 129 10.30 27.52 -3.27
C GLU A 129 11.16 28.21 -2.22
N ASP A 130 11.03 29.53 -2.10
CA ASP A 130 11.74 30.31 -1.11
C ASP A 130 10.78 31.40 -0.64
N VAL A 131 11.27 32.31 0.17
CA VAL A 131 10.40 33.26 0.81
C VAL A 131 11.08 34.62 0.84
N VAL A 132 10.63 35.54 -0.01
CA VAL A 132 11.04 36.95 0.03
C VAL A 132 11.22 37.50 1.45
N LEU A 133 12.44 37.95 1.80
CA LEU A 133 12.63 38.75 3.02
C LEU A 133 13.38 40.03 2.71
N LYS A 134 12.83 41.15 3.16
CA LYS A 134 13.46 42.47 3.04
C LYS A 134 13.55 43.14 4.41
N GLN A 135 14.27 44.27 4.44
CA GLN A 135 14.26 45.16 5.61
C GLN A 135 13.18 46.23 5.41
N VAL A 136 12.22 46.28 6.34
CA VAL A 136 11.12 47.23 6.26
C VAL A 136 11.07 47.94 7.61
N ASN A 137 11.40 49.24 7.63
CA ASN A 137 11.58 50.01 8.87
C ASN A 137 12.25 49.20 9.98
N GLY A 138 13.51 48.85 9.76
CA GLY A 138 14.18 48.23 10.89
C GLY A 138 14.81 46.87 10.58
N GLN A 139 14.11 45.74 10.81
CA GLN A 139 14.74 44.56 10.25
C GLN A 139 14.04 43.91 9.09
N TYR A 140 14.72 42.81 8.75
CA TYR A 140 14.22 41.68 8.00
C TYR A 140 12.85 41.18 8.39
N ARG A 141 11.99 41.12 7.38
CA ARG A 141 10.61 40.69 7.49
C ARG A 141 10.31 39.82 6.28
N VAL A 142 9.65 38.69 6.53
CA VAL A 142 9.09 37.88 5.45
C VAL A 142 7.88 38.59 4.86
N CYS A 143 7.92 38.87 3.55
CA CYS A 143 6.81 39.59 2.95
C CYS A 143 6.52 39.09 1.54
N GLY A 144 6.61 37.79 1.32
CA GLY A 144 6.23 37.22 0.04
C GLY A 144 6.77 35.83 -0.14
N LEU A 145 6.44 35.26 -1.31
CA LEU A 145 6.79 33.89 -1.66
C LEU A 145 7.48 33.84 -3.02
N VAL A 146 8.41 32.92 -3.15
CA VAL A 146 9.00 32.57 -4.43
C VAL A 146 8.32 31.27 -4.88
N ILE A 147 7.70 31.29 -6.06
CA ILE A 147 6.87 30.17 -6.49
C ILE A 147 7.27 29.69 -7.89
N ASN A 148 7.17 28.39 -8.08
CA ASN A 148 7.40 27.72 -9.35
C ASN A 148 6.41 26.57 -9.47
N TRP A 149 6.36 25.97 -10.67
CA TRP A 149 5.60 24.73 -10.88
C TRP A 149 6.27 23.57 -10.17
N THR A 150 5.49 22.84 -9.36
CA THR A 150 6.00 21.67 -8.66
C THR A 150 6.88 20.82 -9.56
N THR A 151 6.28 20.43 -10.66
CA THR A 151 6.82 19.88 -11.89
C THR A 151 8.27 20.29 -12.14
N VAL A 152 8.51 21.60 -12.20
CA VAL A 152 9.85 22.13 -12.43
C VAL A 152 10.81 21.64 -11.35
N GLU A 153 10.57 22.01 -10.10
CA GLU A 153 11.23 21.40 -8.94
C GLU A 153 11.67 19.96 -9.11
N LEU A 154 10.75 19.04 -9.28
CA LEU A 154 11.14 17.65 -9.15
C LEU A 154 11.93 17.15 -10.38
N ASN A 155 11.55 17.58 -11.58
CA ASN A 155 12.39 17.28 -12.76
C ASN A 155 13.71 18.05 -12.80
N HIS A 156 13.98 18.90 -11.81
CA HIS A 156 15.19 19.70 -11.72
C HIS A 156 15.47 20.48 -13.02
N LEU A 157 14.53 21.36 -13.35
CA LEU A 157 14.56 22.14 -14.59
C LEU A 157 14.94 23.58 -14.29
N MET A 158 15.86 24.14 -15.07
CA MET A 158 16.27 25.52 -14.78
C MET A 158 15.20 26.44 -15.34
N VAL A 159 14.12 26.56 -14.59
CA VAL A 159 13.06 27.50 -14.88
C VAL A 159 12.98 28.45 -13.70
N ASP A 160 13.02 29.74 -13.99
CA ASP A 160 13.00 30.74 -12.95
C ASP A 160 11.61 30.86 -12.34
N PRO A 161 11.53 31.25 -11.07
CA PRO A 161 10.25 31.36 -10.36
C PRO A 161 9.54 32.68 -10.65
N LEU A 162 8.37 32.82 -10.07
CA LEU A 162 7.66 34.08 -9.98
C LEU A 162 7.62 34.51 -8.51
N VAL A 163 7.30 35.78 -8.27
CA VAL A 163 7.32 36.34 -6.93
C VAL A 163 5.93 36.85 -6.58
N ILE A 164 5.35 36.28 -5.54
CA ILE A 164 4.12 36.76 -4.90
C ILE A 164 4.51 37.53 -3.65
N THR A 165 3.90 38.69 -3.42
CA THR A 165 4.19 39.45 -2.20
C THR A 165 2.95 39.48 -1.32
N ALA A 166 3.16 39.46 0.00
CA ALA A 166 2.03 39.34 0.91
C ALA A 166 2.39 39.99 2.24
N LYS A 167 1.34 40.34 3.00
CA LYS A 167 1.58 40.83 4.35
C LYS A 167 1.93 39.71 5.32
N TYR A 168 1.36 38.52 5.14
CA TYR A 168 1.69 37.39 5.98
C TYR A 168 1.74 36.10 5.17
N VAL A 169 2.72 35.26 5.51
CA VAL A 169 2.86 33.93 4.95
C VAL A 169 2.51 32.93 6.05
N VAL A 170 1.69 31.93 5.71
CA VAL A 170 1.43 30.82 6.61
C VAL A 170 2.08 29.58 6.03
N ASP A 171 3.03 29.02 6.76
CA ASP A 171 3.61 27.73 6.43
C ASP A 171 2.66 26.66 6.97
N ALA A 172 1.74 26.21 6.12
CA ALA A 172 0.83 25.11 6.46
C ALA A 172 1.24 23.87 5.67
N THR A 173 2.54 23.60 5.64
CA THR A 173 3.10 22.72 4.63
C THR A 173 3.31 21.30 5.19
N GLY A 174 2.90 21.05 6.43
CA GLY A 174 2.89 19.72 7.00
C GLY A 174 4.19 19.39 7.71
N HIS A 175 4.37 18.08 7.92
CA HIS A 175 5.55 17.53 8.60
C HIS A 175 6.86 18.18 8.21
N ASP A 176 7.02 18.56 6.95
CA ASP A 176 8.37 18.97 6.53
C ASP A 176 8.68 20.43 6.85
N ALA A 177 7.68 21.27 7.14
CA ALA A 177 7.91 22.67 7.51
C ALA A 177 8.88 23.35 6.54
N SER A 178 8.69 23.07 5.26
CA SER A 178 9.71 23.35 4.26
C SER A 178 9.94 24.85 4.06
N VAL A 179 8.93 25.68 4.29
CA VAL A 179 9.09 27.10 4.05
C VAL A 179 9.90 27.76 5.16
N VAL A 180 9.58 27.46 6.42
CA VAL A 180 10.38 27.98 7.52
C VAL A 180 11.74 27.30 7.58
N SER A 181 11.82 26.01 7.26
CA SER A 181 13.12 25.37 7.11
C SER A 181 13.97 26.12 6.09
N THR A 182 13.36 26.56 4.99
CA THR A 182 14.13 27.17 3.91
C THR A 182 14.55 28.59 4.28
N LEU A 183 13.66 29.36 4.91
CA LEU A 183 14.03 30.59 5.58
C LEU A 183 15.27 30.37 6.44
N GLN A 184 15.09 29.56 7.48
CA GLN A 184 16.10 29.27 8.49
C GLN A 184 17.44 28.91 7.86
N ARG A 185 17.41 28.15 6.78
CA ARG A 185 18.68 27.66 6.22
C ARG A 185 19.33 28.67 5.29
N LYS A 186 18.55 29.40 4.50
CA LYS A 186 19.14 30.29 3.51
C LYS A 186 19.48 31.66 4.06
N ALA A 187 18.69 32.15 5.02
CA ALA A 187 18.96 33.47 5.59
C ALA A 187 19.82 33.41 6.85
N GLY A 188 19.93 32.24 7.49
CA GLY A 188 20.72 32.08 8.69
C GLY A 188 20.06 32.57 9.97
N ILE A 189 18.85 33.12 9.89
CA ILE A 189 18.11 33.72 11.01
C ILE A 189 17.97 32.74 12.17
N LYS A 190 17.31 33.24 13.22
CA LYS A 190 16.84 32.42 14.34
C LYS A 190 15.32 32.50 14.39
N LEU A 191 14.68 31.38 14.70
CA LEU A 191 13.23 31.31 14.80
C LEU A 191 12.79 31.49 16.25
N ASN A 192 11.53 31.89 16.42
CA ASN A 192 10.93 32.03 17.74
C ASN A 192 10.48 30.66 18.27
N THR A 193 11.47 29.76 18.43
CA THR A 193 11.17 28.41 18.91
C THR A 193 11.94 27.98 20.14
N GLU A 194 13.08 28.59 20.45
CA GLU A 194 13.91 28.18 21.59
C GLU A 194 14.17 26.68 21.54
N THR A 195 15.10 26.23 20.69
CA THR A 195 16.08 27.05 19.97
C THR A 195 15.59 27.88 18.78
N GLY A 196 16.53 28.47 18.04
CA GLY A 196 16.18 29.29 16.88
C GLY A 196 16.17 28.53 15.57
N CYS A 197 15.78 27.25 15.63
CA CYS A 197 15.83 26.34 14.49
C CYS A 197 14.54 25.54 14.39
N VAL A 198 14.28 25.01 13.18
CA VAL A 198 13.31 23.94 13.06
C VAL A 198 13.82 22.81 13.94
N VAL A 199 13.20 22.64 15.11
CA VAL A 199 13.69 21.66 16.09
C VAL A 199 13.52 20.23 15.59
N GLY A 200 12.52 19.96 14.74
CA GLY A 200 12.19 18.61 14.35
C GLY A 200 11.14 18.00 15.26
N GLU A 201 10.19 17.25 14.71
CA GLU A 201 9.04 16.82 15.49
C GLU A 201 9.44 15.64 16.39
N LYS A 202 8.87 15.59 17.59
CA LYS A 202 9.12 14.51 18.52
C LYS A 202 8.23 13.31 18.20
N PRO A 203 8.58 12.09 18.73
CA PRO A 203 7.71 10.93 18.53
C PRO A 203 6.30 11.13 19.08
N LEU A 204 5.45 10.12 18.95
CA LEU A 204 4.01 10.32 19.11
C LEU A 204 3.55 10.33 20.56
N TRP A 205 2.66 11.27 20.86
CA TRP A 205 1.90 11.28 22.12
C TRP A 205 0.66 12.12 21.84
N ALA A 206 -0.51 11.45 21.71
CA ALA A 206 -1.70 12.13 21.20
C ALA A 206 -2.10 13.32 22.07
N SER A 207 -2.18 13.12 23.39
CA SER A 207 -2.55 14.18 24.34
C SER A 207 -1.70 15.44 24.17
N VAL A 208 -0.42 15.32 24.52
CA VAL A 208 0.47 16.47 24.43
C VAL A 208 0.58 16.95 23.00
N GLY A 209 0.58 16.02 22.03
CA GLY A 209 0.77 16.37 20.64
C GLY A 209 -0.24 17.38 20.12
N GLU A 210 -1.53 17.12 20.34
CA GLU A 210 -2.55 18.03 19.81
C GLU A 210 -2.63 19.34 20.61
N GLU A 211 -2.51 19.28 21.95
CA GLU A 211 -2.52 20.51 22.72
C GLU A 211 -1.38 21.43 22.29
N ASP A 212 -0.24 20.84 21.90
CA ASP A 212 0.89 21.66 21.48
C ASP A 212 0.69 22.22 20.08
N THR A 213 -0.06 21.52 19.22
CA THR A 213 -0.28 22.03 17.86
C THR A 213 -1.01 23.36 17.89
N VAL A 214 -2.05 23.46 18.72
CA VAL A 214 -2.74 24.73 18.90
C VAL A 214 -1.81 25.81 19.45
N LYS A 215 -0.96 25.45 20.43
CA LYS A 215 -0.10 26.45 21.07
C LYS A 215 1.10 26.83 20.21
N ASN A 216 1.58 25.92 19.36
CA ASN A 216 2.74 26.17 18.51
C ASN A 216 2.41 26.98 17.27
N SER A 217 1.12 27.22 17.02
CA SER A 217 0.66 27.95 15.83
C SER A 217 0.85 29.45 16.05
N LYS A 218 2.06 29.92 15.75
CA LYS A 218 2.44 31.28 16.11
C LYS A 218 3.35 31.85 15.03
N GLU A 219 3.72 33.12 15.22
CA GLU A 219 4.63 33.84 14.34
C GLU A 219 6.05 33.52 14.77
N VAL A 220 6.71 32.59 14.08
CA VAL A 220 8.08 32.19 14.45
C VAL A 220 9.14 33.12 13.89
N PHE A 221 8.75 34.07 13.05
CA PHE A 221 9.66 35.07 12.49
C PHE A 221 8.75 36.16 11.89
N PRO A 222 9.22 37.41 11.88
CA PRO A 222 8.30 38.49 11.44
C PRO A 222 7.79 38.24 10.05
N GLY A 223 6.47 38.10 9.94
CA GLY A 223 5.79 37.94 8.68
C GLY A 223 5.42 36.52 8.33
N ILE A 224 5.84 35.53 9.11
CA ILE A 224 5.60 34.13 8.78
C ILE A 224 5.04 33.40 10.00
N TYR A 225 3.95 32.67 9.79
CA TYR A 225 3.30 31.83 10.77
C TYR A 225 3.45 30.36 10.38
N VAL A 226 3.71 29.49 11.36
CA VAL A 226 3.56 28.07 11.10
C VAL A 226 2.14 27.70 11.47
N SER A 227 1.73 26.49 11.15
CA SER A 227 0.35 26.07 11.35
C SER A 227 0.28 24.58 11.12
N GLY A 228 -0.69 23.93 11.75
CA GLY A 228 -0.84 22.51 11.62
C GLY A 228 0.41 21.76 12.02
N MET A 229 0.74 20.73 11.24
CA MET A 229 1.84 19.85 11.56
C MET A 229 3.22 20.51 11.37
N ALA A 230 3.34 21.57 10.55
CA ALA A 230 4.60 22.30 10.52
C ALA A 230 4.90 22.97 11.87
N ALA A 231 3.85 23.32 12.63
CA ALA A 231 4.06 23.91 13.94
C ALA A 231 4.75 22.94 14.89
N ASN A 232 4.34 21.67 14.89
CA ASN A 232 5.01 20.67 15.73
C ASN A 232 6.41 20.35 15.24
N ALA A 233 6.62 20.38 13.92
CA ALA A 233 7.98 20.18 13.41
C ALA A 233 8.87 21.35 13.78
N THR A 234 8.34 22.56 13.69
CA THR A 234 9.19 23.74 13.91
C THR A 234 9.54 23.88 15.38
N CYS A 235 8.62 23.53 16.27
CA CYS A 235 8.77 23.79 17.70
C CYS A 235 9.32 22.60 18.47
N GLY A 236 9.42 21.43 17.86
CA GLY A 236 9.98 20.27 18.53
C GLY A 236 9.02 19.58 19.46
N SER A 237 7.75 19.55 19.12
CA SER A 237 6.72 18.87 19.90
C SER A 237 6.33 17.53 19.28
N HIS A 238 5.61 16.74 20.07
CA HIS A 238 5.12 15.44 19.63
C HIS A 238 4.14 15.57 18.47
N ARG A 239 4.11 14.52 17.65
CA ARG A 239 3.04 14.22 16.71
C ARG A 239 1.89 13.51 17.43
N MET A 240 0.73 13.43 16.78
CA MET A 240 -0.50 12.96 17.43
C MET A 240 -1.22 11.83 16.69
N GLY A 241 -0.63 11.25 15.65
CA GLY A 241 -1.31 10.23 14.88
C GLY A 241 -2.49 10.81 14.14
N PRO A 242 -3.45 9.94 13.74
CA PRO A 242 -4.52 10.36 12.82
C PRO A 242 -5.75 10.97 13.51
N VAL A 243 -5.54 11.82 14.49
CA VAL A 243 -6.60 12.68 14.99
C VAL A 243 -6.35 14.07 14.41
N PHE A 244 -7.38 14.65 13.81
CA PHE A 244 -7.19 15.85 13.01
C PHE A 244 -7.81 17.08 13.65
N GLY A 245 -8.30 16.97 14.89
CA GLY A 245 -8.91 18.12 15.55
C GLY A 245 -7.93 19.26 15.76
N GLY A 246 -6.70 18.94 16.17
CA GLY A 246 -5.72 19.99 16.37
C GLY A 246 -5.30 20.66 15.08
N MET A 247 -5.32 19.92 13.96
CA MET A 247 -4.99 20.51 12.66
C MET A 247 -6.01 21.57 12.28
N LEU A 248 -7.30 21.26 12.40
CA LEU A 248 -8.36 22.22 12.08
C LEU A 248 -8.31 23.42 13.02
N MET A 249 -8.24 23.16 14.33
CA MET A 249 -8.16 24.26 15.30
C MET A 249 -7.01 25.20 15.00
N SER A 250 -5.85 24.64 14.64
CA SER A 250 -4.67 25.47 14.38
C SER A 250 -4.92 26.48 13.27
N GLY A 251 -5.55 26.06 12.18
CA GLY A 251 -5.78 26.99 11.08
C GLY A 251 -6.71 28.12 11.49
N LYS A 252 -7.67 27.83 12.36
CA LYS A 252 -8.55 28.88 12.86
C LYS A 252 -7.75 29.87 13.71
N LYS A 253 -6.94 29.35 14.64
CA LYS A 253 -6.13 30.20 15.49
C LYS A 253 -5.19 31.09 14.67
N VAL A 254 -4.54 30.53 13.64
CA VAL A 254 -3.60 31.37 12.89
C VAL A 254 -4.36 32.41 12.10
N ALA A 255 -5.60 32.12 11.70
CA ALA A 255 -6.37 33.06 10.92
C ALA A 255 -6.84 34.24 11.77
N GLU A 256 -7.46 33.96 12.92
CA GLU A 256 -7.95 35.08 13.73
C GLU A 256 -6.81 35.89 14.30
N GLU A 257 -5.68 35.24 14.60
CA GLU A 257 -4.51 35.99 15.07
C GLU A 257 -3.91 36.85 13.96
N ILE A 258 -3.84 36.32 12.73
CA ILE A 258 -3.33 37.15 11.63
C ILE A 258 -4.33 38.26 11.31
N ALA A 259 -5.63 37.94 11.33
CA ALA A 259 -6.66 38.98 11.22
C ALA A 259 -6.48 40.06 12.28
N ALA A 260 -6.06 39.69 13.49
CA ALA A 260 -5.84 40.68 14.55
C ALA A 260 -4.76 41.68 14.16
N LYS A 261 -3.60 41.18 13.75
CA LYS A 261 -2.53 42.06 13.30
C LYS A 261 -2.91 42.86 12.05
N LEU A 262 -3.84 42.37 11.24
CA LEU A 262 -4.24 43.06 10.01
C LEU A 262 -5.25 44.16 10.36
N ASN A 263 -4.78 45.14 11.14
CA ASN A 263 -5.64 46.26 11.53
C ASN A 263 -4.83 47.52 11.83
N ASN B 3 -21.91 -22.11 -3.36
CA ASN B 3 -20.83 -23.04 -3.70
C ASN B 3 -19.46 -22.40 -3.50
N LEU B 4 -19.13 -21.40 -4.33
CA LEU B 4 -18.03 -20.48 -4.04
C LEU B 4 -18.51 -19.05 -4.30
N SER B 5 -18.94 -18.38 -3.23
CA SER B 5 -19.38 -17.00 -3.30
C SER B 5 -18.18 -16.12 -2.98
N GLU B 6 -17.76 -15.34 -3.96
CA GLU B 6 -16.57 -14.51 -3.79
C GLU B 6 -16.79 -13.42 -2.74
N VAL B 7 -18.04 -13.01 -2.49
CA VAL B 7 -18.28 -11.98 -1.49
C VAL B 7 -18.33 -12.55 -0.08
N VAL B 8 -18.58 -13.85 0.06
CA VAL B 8 -18.36 -14.51 1.35
C VAL B 8 -16.86 -14.63 1.62
N ILE B 9 -16.09 -14.93 0.58
CA ILE B 9 -14.63 -14.98 0.71
C ILE B 9 -14.10 -13.61 1.12
N SER B 10 -14.52 -12.56 0.40
CA SER B 10 -14.08 -11.21 0.70
C SER B 10 -14.43 -10.79 2.12
N GLU B 11 -15.61 -11.16 2.59
CA GLU B 11 -16.04 -10.65 3.88
C GLU B 11 -15.38 -11.42 5.03
N ALA B 12 -15.09 -12.72 4.83
CA ALA B 12 -14.33 -13.45 5.84
C ALA B 12 -12.93 -12.89 6.02
N ILE B 13 -12.26 -12.52 4.92
CA ILE B 13 -10.92 -11.96 5.03
C ILE B 13 -10.95 -10.60 5.73
N ILE B 14 -11.82 -9.70 5.25
CA ILE B 14 -11.94 -8.37 5.84
C ILE B 14 -12.31 -8.44 7.30
N THR B 15 -13.12 -9.42 7.69
CA THR B 15 -13.60 -9.54 9.05
C THR B 15 -12.53 -10.10 9.99
N ALA B 16 -11.91 -11.23 9.63
CA ALA B 16 -10.85 -11.80 10.47
C ALA B 16 -9.71 -10.82 10.67
N PHE B 17 -9.17 -10.28 9.56
CA PHE B 17 -7.97 -9.45 9.67
C PHE B 17 -8.22 -8.22 10.51
N MET B 18 -9.33 -7.53 10.27
CA MET B 18 -9.53 -6.28 11.00
C MET B 18 -9.96 -6.52 12.45
N GLU B 19 -10.35 -7.76 12.81
CA GLU B 19 -10.42 -8.11 14.22
C GLU B 19 -9.06 -8.53 14.77
N LYS B 20 -8.27 -9.23 13.95
CA LYS B 20 -6.90 -9.52 14.34
C LYS B 20 -6.13 -8.23 14.62
N LEU B 21 -6.43 -7.20 13.88
CA LEU B 21 -5.72 -5.94 14.09
C LEU B 21 -6.24 -5.19 15.31
N LYS B 22 -7.54 -5.29 15.60
CA LYS B 22 -8.09 -4.62 16.77
C LYS B 22 -7.66 -5.30 18.05
N SER B 23 -7.53 -6.62 18.04
CA SER B 23 -7.12 -7.36 19.22
C SER B 23 -5.63 -7.29 19.45
N HIS B 24 -4.91 -6.48 18.69
CA HIS B 24 -3.50 -6.24 18.96
C HIS B 24 -3.20 -4.75 18.98
N LEU B 25 -4.20 -3.89 18.89
CA LEU B 25 -4.00 -2.49 19.24
C LEU B 25 -3.43 -2.37 20.65
N GLU B 26 -3.91 -3.22 21.55
CA GLU B 26 -3.29 -3.54 22.84
C GLU B 26 -2.40 -4.77 22.69
N THR B 27 -1.13 -4.67 23.11
CA THR B 27 -0.29 -5.85 23.19
C THR B 27 0.69 -5.75 24.35
N ASP B 28 1.14 -6.91 24.79
CA ASP B 28 2.23 -6.95 25.78
C ASP B 28 3.53 -6.50 25.14
N VAL B 29 3.91 -7.11 24.01
CA VAL B 29 5.18 -6.83 23.35
C VAL B 29 4.95 -6.69 21.86
N ALA B 30 5.41 -5.58 21.30
CA ALA B 30 5.43 -5.36 19.86
C ALA B 30 6.86 -5.58 19.36
N ILE B 31 7.06 -6.61 18.52
CA ILE B 31 8.37 -6.83 17.89
C ILE B 31 8.35 -6.19 16.51
N VAL B 32 9.31 -5.30 16.27
CA VAL B 32 9.53 -4.74 14.94
C VAL B 32 10.64 -5.53 14.31
N GLY B 33 10.31 -6.26 13.24
CA GLY B 33 11.32 -7.00 12.52
C GLY B 33 11.19 -8.49 12.70
N GLY B 34 10.78 -9.17 11.62
CA GLY B 34 10.55 -10.61 11.62
C GLY B 34 11.70 -11.44 11.07
N GLY B 35 12.94 -11.05 11.40
CA GLY B 35 14.09 -11.88 11.08
C GLY B 35 14.26 -12.99 12.11
N PRO B 36 15.40 -13.67 12.08
CA PRO B 36 15.64 -14.76 13.07
C PRO B 36 15.57 -14.29 14.53
N SER B 37 16.14 -13.14 14.88
CA SER B 37 16.06 -12.73 16.29
C SER B 37 14.63 -12.37 16.65
N GLY B 38 13.97 -11.56 15.82
CA GLY B 38 12.64 -11.11 16.16
C GLY B 38 11.62 -12.22 16.20
N LEU B 39 11.81 -13.28 15.37
CA LEU B 39 10.85 -14.37 15.37
C LEU B 39 11.05 -15.25 16.60
N VAL B 40 12.32 -15.47 16.99
CA VAL B 40 12.60 -16.33 18.14
C VAL B 40 12.07 -15.70 19.43
N ALA B 41 12.35 -14.42 19.66
CA ALA B 41 11.75 -13.74 20.80
C ALA B 41 10.23 -13.83 20.75
N GLY B 42 9.66 -13.78 19.55
CA GLY B 42 8.20 -13.85 19.41
C GLY B 42 7.66 -15.21 19.81
N TYR B 43 8.38 -16.26 19.48
CA TYR B 43 8.01 -17.60 19.87
C TYR B 43 8.07 -17.79 21.39
N TYR B 44 9.20 -17.42 22.01
CA TYR B 44 9.37 -17.68 23.44
C TYR B 44 8.42 -16.85 24.28
N LEU B 45 8.15 -15.62 23.87
CA LEU B 45 7.17 -14.82 24.59
C LEU B 45 5.78 -15.40 24.44
N ALA B 46 5.42 -15.84 23.23
CA ALA B 46 4.07 -16.36 23.04
C ALA B 46 3.90 -17.72 23.69
N LYS B 47 4.97 -18.53 23.70
CA LYS B 47 4.99 -19.77 24.46
C LYS B 47 4.60 -19.54 25.92
N LYS B 48 5.17 -18.51 26.53
CA LYS B 48 4.88 -18.14 27.91
C LYS B 48 3.55 -17.44 28.09
N GLY B 49 2.72 -17.36 27.05
CA GLY B 49 1.37 -16.88 27.19
C GLY B 49 1.15 -15.39 27.00
N TYR B 50 2.20 -14.59 26.83
CA TYR B 50 2.03 -13.15 26.63
C TYR B 50 1.56 -12.85 25.21
N ARG B 51 0.70 -11.84 25.08
CA ARG B 51 0.21 -11.42 23.78
C ARG B 51 1.30 -10.66 23.00
N VAL B 52 1.57 -11.08 21.77
CA VAL B 52 2.71 -10.62 20.99
C VAL B 52 2.28 -10.33 19.56
N ALA B 53 2.62 -9.14 19.06
CA ALA B 53 2.52 -8.80 17.65
C ALA B 53 3.92 -8.63 17.07
N ILE B 54 4.10 -9.05 15.83
CA ILE B 54 5.36 -8.85 15.10
C ILE B 54 5.05 -8.07 13.85
N PHE B 55 5.68 -6.93 13.69
CA PHE B 55 5.45 -6.08 12.55
C PHE B 55 6.64 -6.23 11.62
N GLU B 56 6.35 -6.62 10.39
CA GLU B 56 7.32 -7.06 9.41
C GLU B 56 7.18 -6.17 8.19
N ARG B 57 8.31 -5.65 7.71
CA ARG B 57 8.29 -4.65 6.66
C ARG B 57 7.98 -5.30 5.31
N ARG B 58 8.63 -6.42 5.01
CA ARG B 58 8.38 -7.19 3.80
C ARG B 58 7.11 -8.01 3.94
N LEU B 59 6.56 -8.40 2.78
CA LEU B 59 5.43 -9.32 2.76
C LEU B 59 5.80 -10.66 3.38
N SER B 60 7.07 -11.02 3.35
CA SER B 60 7.53 -12.24 3.98
C SER B 60 8.36 -11.91 5.22
N ILE B 61 8.34 -12.85 6.17
CA ILE B 61 9.25 -12.92 7.30
C ILE B 61 10.55 -13.57 6.86
N GLY B 62 11.45 -13.73 7.82
CA GLY B 62 12.70 -14.42 7.63
C GLY B 62 13.90 -13.52 7.57
N GLY B 63 13.66 -12.22 7.41
CA GLY B 63 14.78 -11.28 7.33
C GLY B 63 15.82 -11.77 6.34
N GLY B 64 17.07 -11.81 6.80
CA GLY B 64 18.25 -12.20 6.06
C GLY B 64 18.66 -13.65 6.19
N MET B 65 17.89 -14.47 6.91
CA MET B 65 18.27 -15.87 7.01
C MET B 65 17.90 -16.68 5.76
N TRP B 66 16.97 -16.18 4.93
CA TRP B 66 16.53 -16.92 3.74
C TRP B 66 17.70 -17.34 2.87
N ALA B 67 18.71 -16.49 2.77
CA ALA B 67 19.68 -16.59 1.69
C ALA B 67 20.97 -17.26 2.12
N GLY B 68 21.08 -17.67 3.39
CA GLY B 68 22.36 -18.14 3.90
C GLY B 68 23.39 -17.03 3.80
N ALA B 69 24.47 -17.30 3.06
CA ALA B 69 25.48 -16.31 2.73
C ALA B 69 25.72 -16.34 1.22
N MET B 70 25.55 -15.19 0.57
CA MET B 70 25.81 -15.02 -0.87
C MET B 70 24.94 -15.95 -1.73
N PHE B 71 23.65 -16.09 -1.35
CA PHE B 71 22.66 -16.95 -2.00
C PHE B 71 22.89 -18.44 -1.77
N PHE B 72 24.03 -18.83 -1.21
CA PHE B 72 24.24 -20.23 -0.86
C PHE B 72 23.40 -20.56 0.36
N ASN B 73 22.32 -21.34 0.19
CA ASN B 73 21.30 -21.54 1.23
C ASN B 73 21.68 -22.26 2.52
N GLU B 74 22.82 -22.01 3.12
CA GLU B 74 23.17 -22.80 4.28
C GLU B 74 23.42 -21.81 5.41
N ILE B 75 22.99 -22.14 6.62
CA ILE B 75 23.33 -21.33 7.78
C ILE B 75 24.16 -22.17 8.74
N VAL B 76 25.20 -21.57 9.28
CA VAL B 76 26.05 -22.21 10.27
C VAL B 76 25.63 -21.71 11.64
N VAL B 77 25.38 -22.65 12.56
CA VAL B 77 25.28 -22.32 13.97
C VAL B 77 26.32 -23.13 14.74
N GLN B 78 26.68 -22.61 15.90
CA GLN B 78 27.49 -23.32 16.87
C GLN B 78 26.58 -23.81 17.98
N GLU B 79 27.17 -24.43 19.01
CA GLU B 79 26.48 -25.02 20.15
C GLU B 79 25.34 -24.16 20.71
N MET B 80 25.52 -22.84 20.81
CA MET B 80 24.47 -22.02 21.41
C MET B 80 23.27 -21.86 20.48
N GLY B 81 23.50 -21.78 19.17
CA GLY B 81 22.38 -21.87 18.24
C GLY B 81 21.86 -23.28 18.11
N ARG B 82 22.72 -24.28 18.35
CA ARG B 82 22.41 -25.67 18.08
C ARG B 82 21.23 -26.12 18.96
N GLU B 83 21.26 -25.76 20.24
CA GLU B 83 20.16 -26.09 21.14
C GLU B 83 18.88 -25.34 20.77
N ILE B 84 19.00 -24.16 20.17
CA ILE B 84 17.77 -23.45 19.81
C ILE B 84 17.13 -24.08 18.57
N LEU B 85 17.95 -24.60 17.66
CA LEU B 85 17.41 -25.32 16.50
C LEU B 85 16.66 -26.58 16.92
N ASP B 86 17.06 -27.21 18.03
CA ASP B 86 16.38 -28.41 18.50
C ASP B 86 15.09 -28.09 19.22
N GLU B 87 15.01 -26.94 19.88
CA GLU B 87 13.75 -26.51 20.44
C GLU B 87 12.72 -26.27 19.34
N PHE B 88 13.17 -26.09 18.10
CA PHE B 88 12.29 -25.82 16.96
C PHE B 88 12.11 -27.03 16.04
N GLY B 89 12.90 -28.08 16.20
CA GLY B 89 12.84 -29.21 15.30
C GLY B 89 13.50 -28.95 13.97
N VAL B 90 14.48 -28.06 13.92
CA VAL B 90 15.24 -27.78 12.71
C VAL B 90 16.34 -28.82 12.57
N ASN B 91 16.27 -29.65 11.53
CA ASN B 91 17.35 -30.59 11.29
C ASN B 91 18.66 -29.84 11.04
N TYR B 92 19.78 -30.50 11.34
CA TYR B 92 21.10 -29.94 11.10
C TYR B 92 22.06 -31.09 10.97
N ARG B 93 23.27 -30.78 10.51
CA ARG B 93 24.38 -31.70 10.42
C ARG B 93 25.63 -31.04 10.99
N GLU B 94 26.50 -31.84 11.60
CA GLU B 94 27.77 -31.37 12.12
C GLU B 94 28.87 -31.42 11.07
N PHE B 95 29.41 -30.24 10.73
CA PHE B 95 30.51 -30.10 9.76
C PHE B 95 31.83 -30.49 10.40
N LYS B 96 32.42 -29.56 11.15
CA LYS B 96 33.58 -29.78 12.03
C LYS B 96 33.15 -29.53 13.48
N PRO B 97 33.84 -30.14 14.46
CA PRO B 97 33.29 -30.16 15.83
C PRO B 97 32.86 -28.79 16.33
N GLY B 98 31.61 -28.70 16.80
CA GLY B 98 31.07 -27.45 17.26
C GLY B 98 30.60 -26.52 16.16
N TYR B 99 30.27 -27.06 14.98
CA TYR B 99 29.80 -26.27 13.84
C TYR B 99 28.71 -27.05 13.14
N TYR B 100 27.50 -26.52 13.13
CA TYR B 100 26.34 -27.19 12.59
C TYR B 100 25.74 -26.36 11.47
N LEU B 101 25.43 -27.02 10.36
CA LEU B 101 24.79 -26.33 9.25
C LEU B 101 23.39 -26.88 9.01
N ALA B 102 22.44 -25.96 8.86
CA ALA B 102 21.08 -26.26 8.53
C ALA B 102 20.79 -25.68 7.16
N ASP B 103 19.80 -26.26 6.48
CA ASP B 103 19.25 -25.62 5.30
C ASP B 103 18.60 -24.30 5.69
N ALA B 104 18.99 -23.22 5.03
CA ALA B 104 18.49 -21.91 5.45
C ALA B 104 16.99 -21.74 5.22
N VAL B 105 16.43 -22.37 4.17
CA VAL B 105 14.98 -22.30 3.94
C VAL B 105 14.23 -23.10 4.99
N GLU B 106 14.81 -24.22 5.43
CA GLU B 106 14.15 -25.03 6.46
C GLU B 106 14.19 -24.33 7.81
N ALA B 107 15.32 -23.68 8.13
CA ALA B 107 15.44 -22.96 9.40
C ALA B 107 14.46 -21.81 9.46
N THR B 108 14.39 -21.01 8.39
CA THR B 108 13.56 -19.82 8.40
C THR B 108 12.09 -20.16 8.54
N THR B 109 11.61 -21.13 7.72
CA THR B 109 10.17 -21.41 7.68
C THR B 109 9.71 -22.19 8.91
N THR B 110 10.57 -23.03 9.49
CA THR B 110 10.20 -23.77 10.69
C THR B 110 10.10 -22.85 11.91
N ILE B 111 11.16 -22.06 12.17
CA ILE B 111 11.11 -21.10 13.29
C ILE B 111 9.86 -20.23 13.16
N ALA B 112 9.68 -19.65 11.99
CA ALA B 112 8.50 -18.85 11.69
C ALA B 112 7.20 -19.61 11.98
N SER B 113 7.12 -20.86 11.54
CA SER B 113 5.88 -21.61 11.67
C SER B 113 5.54 -21.84 13.12
N LYS B 114 6.50 -22.31 13.89
CA LYS B 114 6.23 -22.62 15.29
C LYS B 114 6.00 -21.35 16.10
N ALA B 115 6.73 -20.28 15.78
CA ALA B 115 6.48 -19.01 16.47
C ALA B 115 5.05 -18.54 16.26
N VAL B 116 4.53 -18.65 15.03
CA VAL B 116 3.16 -18.21 14.74
C VAL B 116 2.14 -19.19 15.29
N LYS B 117 2.44 -20.50 15.27
CA LYS B 117 1.56 -21.47 15.92
C LYS B 117 1.44 -21.22 17.42
N ALA B 118 2.49 -20.72 18.06
CA ALA B 118 2.46 -20.48 19.49
C ALA B 118 1.71 -19.20 19.86
N GLY B 119 1.25 -18.41 18.90
CA GLY B 119 0.42 -17.26 19.16
C GLY B 119 1.01 -15.92 18.77
N ALA B 120 2.26 -15.88 18.32
CA ALA B 120 2.85 -14.64 17.81
C ALA B 120 2.08 -14.21 16.56
N THR B 121 1.35 -13.10 16.66
CA THR B 121 0.64 -12.59 15.51
C THR B 121 1.58 -11.73 14.67
N VAL B 122 1.50 -11.89 13.34
CA VAL B 122 2.40 -11.26 12.38
C VAL B 122 1.60 -10.39 11.43
N PHE B 123 2.09 -9.18 11.20
CA PHE B 123 1.54 -8.26 10.21
C PHE B 123 2.65 -7.91 9.23
N ASN B 124 2.49 -8.33 7.96
CA ASN B 124 3.36 -8.07 6.83
C ASN B 124 2.98 -6.79 6.09
N GLY B 125 3.95 -6.30 5.32
CA GLY B 125 3.73 -5.06 4.60
C GLY B 125 3.48 -3.88 5.50
N VAL B 126 3.95 -3.95 6.75
CA VAL B 126 3.66 -2.93 7.75
C VAL B 126 4.98 -2.46 8.32
N THR B 127 5.27 -1.18 8.16
CA THR B 127 6.46 -0.56 8.72
C THR B 127 6.14 0.15 10.03
N ALA B 128 6.86 -0.20 11.09
CA ALA B 128 6.95 0.68 12.24
C ALA B 128 7.90 1.83 11.89
N GLU B 129 7.40 3.04 11.96
CA GLU B 129 8.12 4.18 11.45
C GLU B 129 8.52 5.14 12.56
N ASP B 130 7.97 4.94 13.76
CA ASP B 130 8.16 5.82 14.93
C ASP B 130 7.62 5.08 16.15
N VAL B 131 7.97 5.58 17.33
CA VAL B 131 7.48 5.02 18.59
C VAL B 131 6.50 5.99 19.22
N VAL B 132 5.64 5.43 20.08
CA VAL B 132 4.86 6.22 21.04
C VAL B 132 5.74 6.46 22.27
N LEU B 133 5.96 7.72 22.60
CA LEU B 133 6.74 8.13 23.77
C LEU B 133 5.80 8.80 24.76
N LYS B 134 5.72 8.27 25.96
CA LYS B 134 4.80 8.84 26.95
C LYS B 134 5.51 9.01 28.29
N GLN B 135 5.18 10.09 28.98
CA GLN B 135 5.83 10.41 30.24
C GLN B 135 5.07 9.62 31.31
N VAL B 136 5.63 8.50 31.71
CA VAL B 136 4.94 7.58 32.62
C VAL B 136 5.63 7.67 33.97
N ASN B 137 4.87 8.11 35.00
CA ASN B 137 5.49 8.46 36.27
C ASN B 137 6.78 9.23 36.06
N GLY B 138 6.64 10.47 35.60
CA GLY B 138 7.81 11.32 35.45
C GLY B 138 8.87 10.80 34.52
N GLN B 139 8.65 9.67 33.83
CA GLN B 139 9.67 9.08 32.99
C GLN B 139 9.15 8.89 31.56
N TYR B 140 9.91 9.40 30.60
CA TYR B 140 9.61 9.17 29.21
C TYR B 140 9.87 7.72 28.86
N ARG B 141 8.83 7.04 28.39
CA ARG B 141 8.83 5.61 28.15
C ARG B 141 8.27 5.32 26.76
N VAL B 142 8.86 4.32 26.10
CA VAL B 142 8.29 3.80 24.85
C VAL B 142 7.07 2.96 25.21
N CYS B 143 5.89 3.35 24.70
CA CYS B 143 4.63 2.71 25.06
C CYS B 143 3.84 2.24 23.85
N GLY B 144 4.50 2.00 22.72
CA GLY B 144 3.81 1.58 21.52
C GLY B 144 4.61 1.92 20.29
N LEU B 145 3.99 1.66 19.13
CA LEU B 145 4.58 1.92 17.82
C LEU B 145 3.63 2.71 16.94
N VAL B 146 4.22 3.51 16.05
CA VAL B 146 3.52 4.19 14.96
C VAL B 146 3.70 3.36 13.68
N ILE B 147 2.62 2.77 13.14
CA ILE B 147 2.71 1.82 12.02
C ILE B 147 2.07 2.39 10.77
N ASN B 148 2.62 2.00 9.61
CA ASN B 148 2.02 2.29 8.32
C ASN B 148 2.35 1.17 7.34
N TRP B 149 1.62 1.13 6.21
CA TRP B 149 1.98 0.17 5.16
C TRP B 149 3.34 0.52 4.59
N THR B 150 4.17 -0.49 4.41
CA THR B 150 5.45 -0.32 3.76
C THR B 150 5.35 0.47 2.45
N THR B 151 4.36 0.14 1.59
CA THR B 151 4.27 0.83 0.29
C THR B 151 4.11 2.33 0.48
N VAL B 152 3.37 2.74 1.51
CA VAL B 152 3.18 4.16 1.79
C VAL B 152 4.53 4.87 1.98
N GLU B 153 5.50 4.20 2.63
CA GLU B 153 6.80 4.85 2.84
C GLU B 153 7.68 4.82 1.59
N LEU B 154 7.74 3.68 0.92
CA LEU B 154 8.40 3.57 -0.39
C LEU B 154 7.90 4.64 -1.37
N ASN B 155 6.58 4.69 -1.59
CA ASN B 155 6.03 5.59 -2.60
C ASN B 155 5.80 7.00 -2.08
N HIS B 156 6.16 7.27 -0.82
CA HIS B 156 6.08 8.59 -0.20
C HIS B 156 4.68 9.18 -0.27
N LEU B 157 3.69 8.37 0.08
CA LEU B 157 2.31 8.80 0.07
C LEU B 157 1.96 9.50 1.38
N MET B 158 1.07 10.49 1.30
CA MET B 158 0.64 11.19 2.51
C MET B 158 -0.52 10.44 3.15
N VAL B 159 -0.18 9.32 3.78
CA VAL B 159 -1.13 8.49 4.47
C VAL B 159 -0.70 8.44 5.93
N ASP B 160 -1.56 8.92 6.82
CA ASP B 160 -1.25 8.95 8.24
C ASP B 160 -1.16 7.53 8.81
N PRO B 161 -0.47 7.37 9.95
CA PRO B 161 -0.26 6.04 10.52
C PRO B 161 -1.43 5.60 11.39
N LEU B 162 -1.40 4.32 11.75
CA LEU B 162 -2.12 3.81 12.91
C LEU B 162 -1.17 3.67 14.09
N VAL B 163 -1.73 3.67 15.31
CA VAL B 163 -0.96 3.57 16.54
C VAL B 163 -1.33 2.27 17.25
N ILE B 164 -0.33 1.49 17.66
CA ILE B 164 -0.55 0.41 18.61
C ILE B 164 0.08 0.77 19.94
N THR B 165 -0.28 0.02 20.99
CA THR B 165 0.24 0.21 22.33
C THR B 165 0.84 -1.08 22.86
N ALA B 166 2.01 -0.97 23.50
CA ALA B 166 2.73 -2.12 24.00
C ALA B 166 3.34 -1.78 25.35
N LYS B 167 3.52 -2.81 26.18
CA LYS B 167 4.35 -2.66 27.37
C LYS B 167 5.82 -2.72 27.01
N TYR B 168 6.16 -3.48 25.97
CA TYR B 168 7.54 -3.55 25.54
C TYR B 168 7.60 -3.58 24.02
N VAL B 169 8.61 -2.91 23.50
CA VAL B 169 8.90 -2.88 22.08
C VAL B 169 10.25 -3.57 21.91
N VAL B 170 10.38 -4.40 20.89
CA VAL B 170 11.67 -4.99 20.55
C VAL B 170 12.08 -4.50 19.17
N ASP B 171 13.12 -3.67 19.10
CA ASP B 171 13.85 -3.42 17.87
C ASP B 171 14.60 -4.70 17.49
N ALA B 172 14.12 -5.36 16.45
CA ALA B 172 14.80 -6.52 15.86
C ALA B 172 14.93 -6.29 14.36
N THR B 173 15.39 -5.10 13.99
CA THR B 173 15.42 -4.68 12.60
C THR B 173 16.78 -4.90 11.94
N GLY B 174 17.64 -5.73 12.52
CA GLY B 174 18.94 -6.03 11.93
C GLY B 174 19.87 -4.83 11.93
N HIS B 175 20.77 -4.79 10.95
CA HIS B 175 21.82 -3.77 10.91
C HIS B 175 21.28 -2.36 11.05
N ASP B 176 20.08 -2.10 10.53
CA ASP B 176 19.60 -0.72 10.49
C ASP B 176 19.30 -0.16 11.89
N ALA B 177 18.93 -1.01 12.85
CA ALA B 177 18.45 -0.54 14.17
C ALA B 177 17.47 0.60 14.00
N SER B 178 16.48 0.34 13.14
CA SER B 178 15.58 1.38 12.64
C SER B 178 14.82 2.09 13.75
N VAL B 179 14.31 1.34 14.72
CA VAL B 179 13.40 1.92 15.68
C VAL B 179 14.14 2.79 16.70
N VAL B 180 15.18 2.22 17.32
CA VAL B 180 15.99 3.03 18.23
C VAL B 180 16.69 4.17 17.50
N SER B 181 16.92 4.06 16.20
CA SER B 181 17.56 5.16 15.49
C SER B 181 16.60 6.33 15.35
N THR B 182 15.33 6.07 15.04
CA THR B 182 14.43 7.21 14.91
C THR B 182 14.07 7.75 16.30
N LEU B 183 14.05 6.87 17.31
CA LEU B 183 13.82 7.31 18.69
C LEU B 183 14.80 8.38 19.09
N GLN B 184 16.10 8.13 18.86
CA GLN B 184 17.10 9.07 19.33
C GLN B 184 17.05 10.38 18.54
N ARG B 185 17.07 10.33 17.21
CA ARG B 185 17.14 11.59 16.48
C ARG B 185 15.88 12.44 16.69
N LYS B 186 14.72 11.83 16.86
CA LYS B 186 13.51 12.62 16.98
C LYS B 186 13.23 13.06 18.40
N ALA B 187 13.62 12.25 19.38
CA ALA B 187 13.52 12.68 20.77
C ALA B 187 14.73 13.50 21.20
N GLY B 188 15.91 13.14 20.72
CA GLY B 188 17.13 13.71 21.21
C GLY B 188 17.68 13.00 22.42
N ILE B 189 17.08 11.87 22.80
CA ILE B 189 17.47 11.15 23.99
C ILE B 189 18.87 10.58 23.86
N LYS B 190 19.25 9.81 24.86
CA LYS B 190 20.52 9.12 24.93
C LYS B 190 20.18 7.67 25.20
N LEU B 191 21.02 6.78 24.72
CA LEU B 191 20.74 5.36 24.86
C LEU B 191 21.82 4.74 25.73
N ASN B 192 21.51 3.55 26.26
CA ASN B 192 22.45 2.80 27.07
C ASN B 192 23.62 2.31 26.23
N THR B 193 24.51 3.22 25.83
CA THR B 193 25.72 2.84 25.12
C THR B 193 26.84 3.71 25.70
N GLU B 194 27.94 3.85 24.96
CA GLU B 194 28.83 5.00 25.12
C GLU B 194 28.45 5.95 23.99
N THR B 195 27.56 6.91 24.30
CA THR B 195 27.01 8.01 23.49
C THR B 195 25.51 7.84 23.29
N GLY B 196 25.08 7.77 22.03
CA GLY B 196 23.70 7.98 21.64
C GLY B 196 23.67 8.84 20.37
N CYS B 197 23.05 8.34 19.32
CA CYS B 197 22.31 7.09 19.32
C CYS B 197 23.10 5.80 19.17
N VAL B 198 22.66 5.05 18.17
CA VAL B 198 23.34 3.83 17.80
C VAL B 198 24.77 4.17 17.42
N VAL B 199 25.72 3.41 17.99
CA VAL B 199 27.12 3.64 17.68
C VAL B 199 27.42 3.23 16.24
N GLY B 200 26.71 2.23 15.71
CA GLY B 200 27.08 1.60 14.45
C GLY B 200 28.01 0.43 14.68
N GLU B 201 27.82 -0.66 13.94
CA GLU B 201 28.61 -1.87 14.14
C GLU B 201 30.07 -1.64 13.76
N LYS B 202 30.93 -2.45 14.34
CA LYS B 202 32.34 -2.49 13.98
C LYS B 202 32.49 -3.43 12.78
N PRO B 203 33.68 -3.52 12.20
CA PRO B 203 33.92 -4.62 11.25
C PRO B 203 33.81 -6.00 11.89
N LEU B 204 34.22 -7.01 11.15
CA LEU B 204 33.88 -8.37 11.51
C LEU B 204 34.96 -9.01 12.40
N TRP B 205 34.47 -9.82 13.33
CA TRP B 205 35.26 -10.62 14.26
C TRP B 205 34.28 -11.58 14.92
N ALA B 206 34.13 -12.78 14.34
CA ALA B 206 33.02 -13.66 14.70
C ALA B 206 33.00 -13.98 16.19
N SER B 207 34.16 -14.33 16.76
CA SER B 207 34.30 -14.57 18.21
C SER B 207 33.67 -13.46 19.04
N VAL B 208 34.20 -12.23 18.89
CA VAL B 208 33.70 -11.11 19.68
C VAL B 208 32.29 -10.72 19.23
N GLY B 209 32.05 -10.73 17.92
CA GLY B 209 30.73 -10.40 17.39
C GLY B 209 29.62 -11.24 17.99
N GLU B 210 29.83 -12.56 18.07
CA GLU B 210 28.79 -13.42 18.63
C GLU B 210 28.67 -13.25 20.14
N GLU B 211 29.80 -13.19 20.83
CA GLU B 211 29.85 -12.76 22.21
C GLU B 211 28.92 -11.57 22.44
N ASP B 212 29.15 -10.50 21.69
CA ASP B 212 28.54 -9.23 22.02
C ASP B 212 27.06 -9.18 21.71
N THR B 213 26.59 -10.02 20.77
CA THR B 213 25.15 -10.04 20.47
C THR B 213 24.35 -10.43 21.70
N VAL B 214 24.71 -11.55 22.31
CA VAL B 214 24.09 -12.01 23.55
C VAL B 214 24.15 -10.92 24.63
N LYS B 215 25.29 -10.26 24.76
CA LYS B 215 25.47 -9.31 25.85
C LYS B 215 24.77 -7.97 25.60
N ASN B 216 24.61 -7.57 24.34
CA ASN B 216 24.04 -6.28 24.02
C ASN B 216 22.54 -6.31 23.82
N SER B 217 21.94 -7.48 23.92
CA SER B 217 20.48 -7.57 23.80
C SER B 217 19.93 -7.08 25.13
N LYS B 218 19.63 -5.79 25.17
CA LYS B 218 19.33 -5.09 26.41
C LYS B 218 18.19 -4.11 26.19
N GLU B 219 17.63 -3.64 27.29
CA GLU B 219 16.81 -2.44 27.28
C GLU B 219 17.73 -1.23 27.15
N VAL B 220 17.73 -0.59 25.98
CA VAL B 220 18.64 0.53 25.76
C VAL B 220 17.97 1.85 26.10
N PHE B 221 16.70 1.82 26.49
CA PHE B 221 15.90 2.98 26.86
C PHE B 221 14.61 2.42 27.45
N PRO B 222 13.98 3.09 28.43
CA PRO B 222 12.79 2.48 29.05
C PRO B 222 11.73 2.09 28.03
N GLY B 223 11.33 0.82 28.02
CA GLY B 223 10.23 0.36 27.19
C GLY B 223 10.63 -0.29 25.88
N ILE B 224 11.88 -0.21 25.48
CA ILE B 224 12.31 -0.78 24.22
C ILE B 224 13.61 -1.55 24.41
N TYR B 225 13.61 -2.81 23.97
CA TYR B 225 14.80 -3.64 23.89
C TYR B 225 15.36 -3.61 22.46
N VAL B 226 16.58 -4.12 22.31
CA VAL B 226 17.13 -4.45 21.00
C VAL B 226 17.56 -5.90 21.02
N SER B 227 17.35 -6.57 19.90
CA SER B 227 17.73 -7.95 19.70
C SER B 227 18.50 -8.04 18.38
N GLY B 228 19.20 -9.15 18.19
CA GLY B 228 19.94 -9.43 16.97
C GLY B 228 20.93 -8.35 16.57
N MET B 229 21.06 -8.16 15.25
CA MET B 229 22.05 -7.23 14.74
C MET B 229 21.75 -5.79 15.10
N ALA B 230 20.48 -5.46 15.39
CA ALA B 230 20.15 -4.13 15.87
C ALA B 230 20.84 -3.85 17.19
N ALA B 231 21.13 -4.90 17.98
CA ALA B 231 21.80 -4.80 19.26
C ALA B 231 23.29 -4.55 19.08
N ASN B 232 23.92 -5.28 18.16
CA ASN B 232 25.31 -4.99 17.81
C ASN B 232 25.44 -3.59 17.23
N ALA B 233 24.56 -3.25 16.29
CA ALA B 233 24.62 -1.93 15.68
C ALA B 233 24.41 -0.83 16.71
N THR B 234 23.45 -1.01 17.62
CA THR B 234 23.15 0.03 18.59
C THR B 234 24.32 0.25 19.53
N CYS B 235 24.90 -0.83 20.05
CA CYS B 235 25.96 -0.73 21.04
C CYS B 235 27.36 -0.64 20.42
N GLY B 236 27.48 -0.80 19.10
CA GLY B 236 28.74 -0.58 18.45
C GLY B 236 29.72 -1.72 18.50
N SER B 237 29.24 -2.95 18.57
CA SER B 237 30.15 -4.08 18.58
C SER B 237 30.42 -4.62 17.19
N HIS B 238 31.26 -5.65 17.15
CA HIS B 238 31.65 -6.26 15.89
C HIS B 238 30.50 -7.10 15.33
N ARG B 239 30.39 -7.11 14.01
CA ARG B 239 29.55 -8.10 13.36
C ARG B 239 30.26 -9.44 13.33
N MET B 240 29.50 -10.49 13.57
CA MET B 240 29.88 -11.85 13.22
C MET B 240 29.50 -12.05 11.76
N GLY B 241 30.06 -13.09 11.13
CA GLY B 241 29.73 -13.34 9.75
C GLY B 241 28.33 -13.89 9.54
N PRO B 242 28.20 -14.79 8.58
CA PRO B 242 26.97 -15.59 8.43
C PRO B 242 26.93 -16.75 9.41
N VAL B 243 26.98 -16.44 10.70
CA VAL B 243 26.70 -17.39 11.76
C VAL B 243 25.52 -16.84 12.57
N PHE B 244 24.49 -17.66 12.72
CA PHE B 244 23.21 -17.21 13.25
C PHE B 244 22.96 -17.71 14.66
N GLY B 245 23.95 -18.34 15.30
CA GLY B 245 23.77 -18.77 16.68
C GLY B 245 23.39 -17.60 17.58
N GLY B 246 24.18 -16.52 17.52
CA GLY B 246 23.89 -15.35 18.31
C GLY B 246 22.56 -14.69 18.02
N MET B 247 22.08 -14.72 16.76
CA MET B 247 20.77 -14.12 16.48
C MET B 247 19.67 -14.87 17.20
N LEU B 248 19.72 -16.21 17.13
CA LEU B 248 18.72 -17.03 17.79
C LEU B 248 18.80 -16.84 19.31
N MET B 249 20.01 -16.92 19.86
CA MET B 249 20.15 -16.79 21.31
C MET B 249 19.75 -15.40 21.76
N SER B 250 20.19 -14.37 21.03
CA SER B 250 19.70 -13.01 21.27
C SER B 250 18.18 -12.96 21.42
N GLY B 251 17.46 -13.58 20.48
CA GLY B 251 16.01 -13.57 20.57
C GLY B 251 15.49 -14.23 21.84
N LYS B 252 16.06 -15.38 22.21
CA LYS B 252 15.61 -16.08 23.41
C LYS B 252 15.93 -15.30 24.68
N LYS B 253 17.08 -14.60 24.71
CA LYS B 253 17.42 -13.82 25.90
C LYS B 253 16.40 -12.71 26.12
N VAL B 254 16.10 -11.96 25.06
CA VAL B 254 15.21 -10.80 25.19
C VAL B 254 13.82 -11.25 25.62
N ALA B 255 13.42 -12.46 25.26
CA ALA B 255 12.10 -12.93 25.65
C ALA B 255 12.07 -13.29 27.13
N GLU B 256 13.11 -13.95 27.62
CA GLU B 256 13.15 -14.31 29.03
C GLU B 256 13.32 -13.07 29.89
N GLU B 257 14.11 -12.12 29.43
CA GLU B 257 14.25 -10.87 30.17
C GLU B 257 12.93 -10.10 30.21
N ILE B 258 12.22 -10.00 29.07
CA ILE B 258 10.98 -9.24 29.07
C ILE B 258 9.91 -9.98 29.86
N ALA B 259 9.91 -11.33 29.78
CA ALA B 259 8.94 -12.12 30.52
C ALA B 259 9.08 -11.92 32.03
N ALA B 260 10.33 -11.88 32.52
CA ALA B 260 10.57 -11.47 33.91
C ALA B 260 9.84 -10.17 34.21
N LYS B 261 10.19 -9.10 33.50
CA LYS B 261 9.62 -7.78 33.79
C LYS B 261 8.10 -7.76 33.64
N LEU B 262 7.51 -8.74 32.98
CA LEU B 262 6.06 -8.76 32.82
C LEU B 262 5.34 -9.40 33.99
N ASN B 263 6.06 -10.09 34.89
CA ASN B 263 5.47 -10.53 36.14
C ASN B 263 5.53 -9.49 37.26
N GLN B 264 6.50 -8.57 37.21
CA GLN B 264 6.54 -7.45 38.14
C GLN B 264 5.31 -6.54 37.95
N GLN C 2 34.05 -18.96 22.62
CA GLN C 2 33.55 -19.09 21.25
C GLN C 2 34.54 -19.83 20.35
N ASN C 3 35.65 -19.18 20.00
CA ASN C 3 36.62 -19.69 19.03
C ASN C 3 35.92 -20.07 17.72
N LEU C 4 35.52 -19.01 17.02
CA LEU C 4 34.76 -19.13 15.77
C LEU C 4 35.69 -18.77 14.61
N SER C 5 36.23 -19.78 13.95
CA SER C 5 37.02 -19.53 12.76
C SER C 5 36.11 -19.05 11.64
N GLU C 6 36.35 -17.83 11.15
CA GLU C 6 35.61 -17.36 10.00
C GLU C 6 35.87 -18.24 8.78
N VAL C 7 37.06 -18.86 8.72
CA VAL C 7 37.43 -19.70 7.59
C VAL C 7 36.54 -20.95 7.56
N VAL C 8 36.24 -21.51 8.73
CA VAL C 8 35.47 -22.74 8.81
C VAL C 8 33.99 -22.48 8.47
N ILE C 9 33.46 -21.32 8.89
CA ILE C 9 32.06 -21.01 8.62
C ILE C 9 31.86 -20.76 7.12
N SER C 10 32.80 -20.06 6.49
CA SER C 10 32.73 -19.88 5.04
C SER C 10 32.87 -21.19 4.30
N GLU C 11 33.84 -22.02 4.71
CA GLU C 11 34.07 -23.30 4.02
C GLU C 11 32.88 -24.22 4.17
N ALA C 12 32.23 -24.22 5.33
CA ALA C 12 31.05 -25.07 5.51
C ALA C 12 29.91 -24.64 4.59
N ILE C 13 29.55 -23.35 4.62
CA ILE C 13 28.44 -22.83 3.81
C ILE C 13 28.69 -23.12 2.32
N ILE C 14 29.92 -22.92 1.87
CA ILE C 14 30.27 -23.20 0.48
C ILE C 14 30.22 -24.68 0.19
N THR C 15 30.85 -25.50 1.02
CA THR C 15 30.93 -26.93 0.71
C THR C 15 29.55 -27.57 0.67
N ALA C 16 28.70 -27.23 1.65
CA ALA C 16 27.37 -27.80 1.68
C ALA C 16 26.54 -27.38 0.46
N PHE C 17 26.58 -26.10 0.09
CA PHE C 17 25.70 -25.64 -0.98
C PHE C 17 26.13 -26.17 -2.33
N MET C 18 27.43 -26.10 -2.62
CA MET C 18 27.90 -26.81 -3.80
C MET C 18 27.33 -28.22 -3.88
N GLU C 19 27.55 -29.05 -2.85
CA GLU C 19 27.18 -30.44 -3.02
C GLU C 19 25.67 -30.60 -3.12
N LYS C 20 24.91 -29.81 -2.36
CA LYS C 20 23.46 -29.76 -2.61
C LYS C 20 23.16 -29.36 -4.06
N LEU C 21 23.86 -28.35 -4.58
CA LEU C 21 23.57 -27.89 -5.93
C LEU C 21 23.97 -28.91 -6.97
N LYS C 22 25.15 -29.51 -6.83
CA LYS C 22 25.57 -30.49 -7.81
C LYS C 22 24.72 -31.77 -7.73
N SER C 23 24.19 -32.09 -6.55
CA SER C 23 23.39 -33.30 -6.47
C SER C 23 21.99 -33.13 -7.03
N HIS C 24 21.56 -31.91 -7.33
CA HIS C 24 20.27 -31.69 -7.99
C HIS C 24 20.42 -31.18 -9.42
N LEU C 25 21.60 -31.31 -10.02
CA LEU C 25 21.73 -31.06 -11.45
C LEU C 25 20.93 -32.07 -12.25
N GLU C 26 20.75 -33.26 -11.70
CA GLU C 26 19.85 -34.28 -12.24
C GLU C 26 18.86 -34.62 -11.14
N THR C 27 17.64 -34.15 -11.30
CA THR C 27 16.52 -34.45 -10.41
C THR C 27 15.43 -35.16 -11.21
N ASP C 28 14.49 -35.75 -10.47
CA ASP C 28 13.34 -36.36 -11.11
C ASP C 28 12.33 -35.28 -11.52
N VAL C 29 12.07 -34.32 -10.64
CA VAL C 29 11.09 -33.27 -10.87
C VAL C 29 11.72 -31.93 -10.48
N ALA C 30 11.75 -31.00 -11.41
CA ALA C 30 12.23 -29.63 -11.20
C ALA C 30 11.00 -28.73 -11.19
N ILE C 31 10.72 -28.11 -10.06
CA ILE C 31 9.54 -27.27 -9.91
C ILE C 31 9.96 -25.81 -9.95
N VAL C 32 9.30 -25.03 -10.78
CA VAL C 32 9.59 -23.62 -10.94
C VAL C 32 8.51 -22.85 -10.17
N GLY C 33 8.91 -22.23 -9.07
CA GLY C 33 7.94 -21.45 -8.33
C GLY C 33 7.63 -22.09 -7.01
N GLY C 34 8.06 -21.45 -5.92
CA GLY C 34 7.71 -21.90 -4.58
C GLY C 34 6.59 -21.09 -3.98
N GLY C 35 5.53 -20.85 -4.75
CA GLY C 35 4.27 -20.39 -4.22
C GLY C 35 3.48 -21.58 -3.73
N PRO C 36 2.19 -21.39 -3.45
CA PRO C 36 1.40 -22.50 -2.84
C PRO C 36 1.36 -23.79 -3.66
N SER C 37 1.05 -23.77 -4.97
CA SER C 37 0.99 -25.05 -5.67
C SER C 37 2.37 -25.69 -5.78
N GLY C 38 3.41 -24.88 -6.05
CA GLY C 38 4.72 -25.45 -6.24
C GLY C 38 5.25 -26.11 -4.98
N LEU C 39 5.04 -25.47 -3.82
CA LEU C 39 5.46 -26.07 -2.57
C LEU C 39 4.66 -27.34 -2.25
N VAL C 40 3.34 -27.32 -2.51
CA VAL C 40 2.51 -28.49 -2.20
C VAL C 40 2.85 -29.65 -3.12
N ALA C 41 3.04 -29.39 -4.42
CA ALA C 41 3.49 -30.42 -5.33
C ALA C 41 4.83 -31.00 -4.89
N GLY C 42 5.74 -30.17 -4.39
CA GLY C 42 7.05 -30.65 -4.01
C GLY C 42 7.01 -31.49 -2.74
N TYR C 43 6.14 -31.12 -1.81
CA TYR C 43 5.88 -31.97 -0.65
C TYR C 43 5.45 -33.37 -1.09
N TYR C 44 4.32 -33.46 -1.82
CA TYR C 44 3.72 -34.75 -2.16
C TYR C 44 4.66 -35.60 -2.99
N LEU C 45 5.43 -34.99 -3.89
CA LEU C 45 6.38 -35.76 -4.68
C LEU C 45 7.56 -36.22 -3.82
N ALA C 46 8.04 -35.37 -2.90
CA ALA C 46 9.18 -35.80 -2.10
C ALA C 46 8.76 -36.83 -1.06
N LYS C 47 7.55 -36.69 -0.50
CA LYS C 47 7.03 -37.68 0.43
C LYS C 47 6.96 -39.06 -0.21
N LYS C 48 6.69 -39.13 -1.51
CA LYS C 48 6.79 -40.35 -2.27
C LYS C 48 8.23 -40.70 -2.66
N GLY C 49 9.23 -39.96 -2.18
CA GLY C 49 10.63 -40.35 -2.34
C GLY C 49 11.30 -39.97 -3.64
N TYR C 50 10.69 -39.11 -4.45
CA TYR C 50 11.36 -38.58 -5.63
C TYR C 50 12.27 -37.41 -5.26
N ARG C 51 13.31 -37.22 -6.07
CA ARG C 51 14.17 -36.05 -5.88
C ARG C 51 13.49 -34.84 -6.52
N VAL C 52 13.00 -33.94 -5.67
CA VAL C 52 12.34 -32.72 -6.09
C VAL C 52 13.26 -31.54 -5.81
N ALA C 53 13.42 -30.68 -6.82
CA ALA C 53 14.11 -29.41 -6.68
C ALA C 53 13.13 -28.30 -7.02
N ILE C 54 12.99 -27.33 -6.12
CA ILE C 54 12.18 -26.14 -6.34
C ILE C 54 13.10 -24.95 -6.60
N PHE C 55 12.75 -24.12 -7.60
CA PHE C 55 13.56 -22.97 -8.00
C PHE C 55 12.71 -21.72 -7.87
N GLU C 56 13.06 -20.82 -6.94
CA GLU C 56 12.19 -19.70 -6.57
C GLU C 56 12.90 -18.38 -6.84
N ARG C 57 12.29 -17.49 -7.62
CA ARG C 57 13.06 -16.31 -8.00
C ARG C 57 13.27 -15.39 -6.82
N ARG C 58 12.29 -15.32 -5.93
CA ARG C 58 12.44 -14.53 -4.72
C ARG C 58 13.38 -15.21 -3.73
N LEU C 59 13.91 -14.38 -2.83
CA LEU C 59 14.71 -14.92 -1.74
C LEU C 59 13.85 -15.72 -0.78
N SER C 60 12.57 -15.37 -0.69
CA SER C 60 11.61 -16.08 0.13
C SER C 60 10.73 -16.95 -0.76
N ILE C 61 10.23 -18.04 -0.20
CA ILE C 61 9.22 -18.85 -0.87
C ILE C 61 7.88 -18.28 -0.42
N GLY C 62 6.78 -18.91 -0.88
CA GLY C 62 5.45 -18.57 -0.45
C GLY C 62 4.66 -17.82 -1.51
N GLY C 63 5.36 -17.18 -2.44
CA GLY C 63 4.67 -16.53 -3.54
C GLY C 63 3.67 -15.55 -2.97
N GLY C 64 2.46 -15.63 -3.47
CA GLY C 64 1.42 -14.66 -3.18
C GLY C 64 0.52 -15.09 -2.04
N MET C 65 0.97 -16.03 -1.24
CA MET C 65 0.13 -16.43 -0.15
C MET C 65 0.35 -15.60 1.12
N TRP C 66 1.49 -14.91 1.22
CA TRP C 66 1.85 -14.13 2.40
C TRP C 66 0.80 -13.08 2.74
N ALA C 67 0.25 -12.43 1.72
CA ALA C 67 -0.54 -11.22 1.92
C ALA C 67 -2.02 -11.48 2.05
N GLY C 68 -2.46 -12.73 1.98
CA GLY C 68 -3.87 -13.00 1.94
C GLY C 68 -4.44 -12.23 0.77
N ALA C 69 -5.24 -11.21 1.06
CA ALA C 69 -5.75 -10.30 0.04
C ALA C 69 -5.66 -8.87 0.54
N MET C 70 -5.06 -8.00 -0.28
CA MET C 70 -4.91 -6.58 0.02
C MET C 70 -4.24 -6.35 1.38
N PHE C 71 -3.17 -7.10 1.63
CA PHE C 71 -2.40 -7.10 2.88
C PHE C 71 -3.19 -7.61 4.07
N PHE C 72 -4.41 -8.11 3.89
CA PHE C 72 -5.22 -8.61 5.00
C PHE C 72 -4.87 -10.09 5.17
N ASN C 73 -3.92 -10.39 6.06
CA ASN C 73 -3.30 -11.72 6.18
C ASN C 73 -4.17 -12.96 6.31
N GLU C 74 -5.31 -13.05 5.66
CA GLU C 74 -6.12 -14.24 5.85
C GLU C 74 -6.25 -15.01 4.53
N ILE C 75 -6.21 -16.34 4.65
CA ILE C 75 -6.49 -17.26 3.56
C ILE C 75 -7.84 -17.89 3.81
N VAL C 76 -8.71 -17.90 2.80
CA VAL C 76 -9.97 -18.63 2.84
C VAL C 76 -9.83 -19.84 1.93
N VAL C 77 -10.13 -21.01 2.47
CA VAL C 77 -10.06 -22.26 1.73
C VAL C 77 -11.45 -22.91 1.79
N GLN C 78 -11.83 -23.60 0.72
CA GLN C 78 -13.15 -24.23 0.69
C GLN C 78 -13.06 -25.72 1.02
N GLU C 79 -13.91 -26.54 0.43
CA GLU C 79 -13.99 -27.96 0.76
C GLU C 79 -12.63 -28.63 0.56
N MET C 80 -12.17 -28.60 -0.70
CA MET C 80 -11.01 -29.37 -1.13
C MET C 80 -9.74 -28.98 -0.37
N GLY C 81 -9.47 -27.68 -0.25
CA GLY C 81 -8.23 -27.28 0.38
C GLY C 81 -8.21 -27.46 1.87
N ARG C 82 -9.39 -27.52 2.49
CA ARG C 82 -9.47 -27.75 3.92
C ARG C 82 -8.67 -29.00 4.33
N GLU C 83 -8.84 -30.10 3.60
CA GLU C 83 -8.24 -31.37 4.01
C GLU C 83 -6.78 -31.47 3.60
N ILE C 84 -6.29 -30.59 2.70
CA ILE C 84 -4.85 -30.47 2.49
C ILE C 84 -4.20 -29.71 3.64
N LEU C 85 -4.85 -28.64 4.10
CA LEU C 85 -4.40 -27.97 5.31
C LEU C 85 -4.16 -28.97 6.42
N ASP C 86 -5.05 -29.95 6.55
CA ASP C 86 -4.87 -30.98 7.58
C ASP C 86 -3.67 -31.86 7.30
N GLU C 87 -3.32 -32.05 6.03
CA GLU C 87 -2.12 -32.83 5.74
C GLU C 87 -0.87 -32.11 6.21
N PHE C 88 -0.88 -30.78 6.20
CA PHE C 88 0.29 -30.00 6.59
C PHE C 88 0.23 -29.51 8.03
N GLY C 89 -0.89 -29.70 8.72
CA GLY C 89 -1.00 -29.26 10.09
C GLY C 89 -1.32 -27.79 10.26
N VAL C 90 -1.99 -27.19 9.29
CA VAL C 90 -2.30 -25.76 9.35
C VAL C 90 -3.61 -25.59 10.11
N ASN C 91 -3.56 -24.87 11.23
CA ASN C 91 -4.77 -24.59 11.97
C ASN C 91 -5.71 -23.74 11.15
N TYR C 92 -7.00 -23.87 11.41
CA TYR C 92 -8.02 -23.08 10.74
C TYR C 92 -9.25 -23.05 11.65
N ARG C 93 -10.35 -22.53 11.11
CA ARG C 93 -11.50 -21.94 11.77
C ARG C 93 -12.56 -21.66 10.71
N GLU C 94 -13.70 -22.35 10.88
CA GLU C 94 -14.86 -22.34 9.99
C GLU C 94 -15.71 -21.07 10.17
N PHE C 95 -15.51 -20.12 9.24
CA PHE C 95 -16.30 -18.89 9.20
C PHE C 95 -17.79 -19.17 8.99
N LYS C 96 -18.11 -20.16 8.16
CA LYS C 96 -19.46 -20.52 7.75
C LYS C 96 -19.27 -21.86 7.05
N PRO C 97 -20.24 -22.80 7.10
CA PRO C 97 -20.02 -24.13 6.51
C PRO C 97 -19.52 -24.09 5.07
N GLY C 98 -18.38 -24.73 4.83
CA GLY C 98 -17.72 -24.74 3.55
C GLY C 98 -16.62 -23.72 3.39
N TYR C 99 -16.40 -22.86 4.38
CA TYR C 99 -15.38 -21.81 4.30
C TYR C 99 -14.54 -21.85 5.57
N TYR C 100 -13.22 -21.93 5.40
CA TYR C 100 -12.29 -22.07 6.51
C TYR C 100 -11.20 -21.00 6.40
N LEU C 101 -11.02 -20.26 7.49
CA LEU C 101 -10.05 -19.18 7.56
C LEU C 101 -8.73 -19.71 8.12
N ALA C 102 -7.64 -19.24 7.55
CA ALA C 102 -6.31 -19.60 8.04
C ALA C 102 -5.45 -18.35 8.11
N ASP C 103 -4.46 -18.38 8.99
CA ASP C 103 -3.48 -17.33 9.02
C ASP C 103 -2.59 -17.45 7.80
N ALA C 104 -2.58 -16.41 6.96
CA ALA C 104 -1.82 -16.51 5.71
C ALA C 104 -0.34 -16.75 5.96
N VAL C 105 0.20 -16.24 7.07
CA VAL C 105 1.61 -16.44 7.36
C VAL C 105 1.87 -17.85 7.89
N GLU C 106 0.96 -18.40 8.71
CA GLU C 106 1.12 -19.76 9.23
C GLU C 106 1.00 -20.81 8.15
N ALA C 107 0.01 -20.65 7.26
CA ALA C 107 -0.14 -21.56 6.13
C ALA C 107 1.13 -21.58 5.27
N THR C 108 1.59 -20.41 4.85
CA THR C 108 2.76 -20.34 3.96
C THR C 108 3.97 -20.99 4.59
N THR C 109 4.25 -20.66 5.86
CA THR C 109 5.49 -21.11 6.47
C THR C 109 5.39 -22.55 6.92
N THR C 110 4.20 -22.99 7.35
CA THR C 110 4.04 -24.40 7.67
C THR C 110 4.11 -25.27 6.41
N ILE C 111 3.42 -24.89 5.34
CA ILE C 111 3.48 -25.70 4.13
C ILE C 111 4.92 -25.77 3.63
N ALA C 112 5.59 -24.62 3.60
CA ALA C 112 6.98 -24.56 3.20
C ALA C 112 7.86 -25.45 4.07
N SER C 113 7.57 -25.52 5.37
CA SER C 113 8.46 -26.24 6.26
C SER C 113 8.34 -27.75 6.03
N LYS C 114 7.13 -28.28 5.97
CA LYS C 114 6.98 -29.70 5.71
C LYS C 114 7.49 -30.07 4.32
N ALA C 115 7.26 -29.21 3.33
CA ALA C 115 7.68 -29.54 1.98
C ALA C 115 9.18 -29.78 1.93
N VAL C 116 9.95 -28.93 2.63
CA VAL C 116 11.41 -29.04 2.55
C VAL C 116 11.93 -30.09 3.53
N LYS C 117 11.27 -30.26 4.67
CA LYS C 117 11.61 -31.39 5.53
C LYS C 117 11.33 -32.71 4.82
N ALA C 118 10.27 -32.77 4.01
CA ALA C 118 9.93 -33.98 3.29
C ALA C 118 10.96 -34.38 2.25
N GLY C 119 12.03 -33.59 2.09
CA GLY C 119 13.06 -33.89 1.13
C GLY C 119 13.13 -32.95 -0.05
N ALA C 120 12.14 -32.08 -0.24
CA ALA C 120 12.17 -31.19 -1.39
C ALA C 120 13.21 -30.09 -1.17
N THR C 121 14.16 -29.97 -2.08
CA THR C 121 15.22 -28.99 -1.95
C THR C 121 14.80 -27.67 -2.61
N VAL C 122 15.01 -26.56 -1.91
CA VAL C 122 14.67 -25.24 -2.43
C VAL C 122 15.94 -24.50 -2.83
N PHE C 123 15.90 -23.85 -3.98
CA PHE C 123 16.93 -22.93 -4.43
C PHE C 123 16.26 -21.57 -4.60
N ASN C 124 16.34 -20.73 -3.57
CA ASN C 124 15.78 -19.40 -3.71
C ASN C 124 16.80 -18.43 -4.31
N GLY C 125 16.29 -17.30 -4.78
CA GLY C 125 17.08 -16.36 -5.57
C GLY C 125 17.38 -16.81 -6.98
N VAL C 126 16.73 -17.87 -7.46
CA VAL C 126 17.09 -18.48 -8.74
C VAL C 126 15.89 -18.43 -9.67
N THR C 127 16.08 -17.81 -10.84
CA THR C 127 15.05 -17.70 -11.86
C THR C 127 15.22 -18.80 -12.90
N ALA C 128 14.16 -19.59 -13.12
CA ALA C 128 14.15 -20.46 -14.31
C ALA C 128 13.89 -19.60 -15.53
N GLU C 129 14.84 -19.58 -16.43
CA GLU C 129 14.85 -18.62 -17.52
C GLU C 129 14.38 -19.25 -18.83
N ASP C 130 14.52 -20.56 -18.95
CA ASP C 130 14.26 -21.27 -20.18
C ASP C 130 14.17 -22.76 -19.83
N VAL C 131 13.86 -23.58 -20.82
CA VAL C 131 13.81 -25.03 -20.63
C VAL C 131 14.87 -25.66 -21.50
N VAL C 132 15.11 -26.95 -21.27
CA VAL C 132 15.92 -27.78 -22.16
C VAL C 132 14.95 -28.55 -23.07
N LEU C 133 14.99 -28.31 -24.38
CA LEU C 133 14.23 -29.07 -25.36
C LEU C 133 15.16 -30.07 -26.03
N LYS C 134 14.94 -31.35 -25.75
CA LYS C 134 15.60 -32.44 -26.46
C LYS C 134 14.56 -33.30 -27.17
N GLN C 135 14.93 -33.86 -28.33
CA GLN C 135 14.06 -34.80 -29.00
C GLN C 135 14.20 -36.16 -28.31
N VAL C 136 13.06 -36.74 -27.91
CA VAL C 136 13.07 -38.01 -27.21
C VAL C 136 11.94 -38.85 -27.76
N ASN C 137 12.24 -40.09 -28.15
CA ASN C 137 11.22 -41.00 -28.62
C ASN C 137 10.47 -40.42 -29.82
N GLY C 138 11.16 -39.63 -30.64
CA GLY C 138 10.57 -39.11 -31.85
C GLY C 138 9.77 -37.84 -31.71
N GLN C 139 9.90 -37.12 -30.58
CA GLN C 139 9.19 -35.87 -30.40
C GLN C 139 10.02 -34.95 -29.50
N TYR C 140 9.84 -33.65 -29.67
CA TYR C 140 10.46 -32.71 -28.76
C TYR C 140 9.85 -32.87 -27.38
N ARG C 141 10.68 -32.69 -26.35
CA ARG C 141 10.26 -32.93 -24.98
C ARG C 141 11.10 -32.05 -24.03
N VAL C 142 10.43 -31.45 -23.05
CA VAL C 142 11.14 -30.70 -22.02
C VAL C 142 11.90 -31.66 -21.13
N CYS C 143 13.19 -31.37 -20.88
CA CYS C 143 14.05 -32.25 -20.11
C CYS C 143 14.81 -31.49 -19.01
N GLY C 144 14.28 -30.36 -18.55
CA GLY C 144 14.91 -29.61 -17.49
C GLY C 144 14.94 -28.12 -17.76
N LEU C 145 15.82 -27.42 -17.02
CA LEU C 145 15.73 -25.97 -16.90
C LEU C 145 17.03 -25.28 -17.22
N VAL C 146 16.90 -24.04 -17.66
CA VAL C 146 18.00 -23.10 -17.73
C VAL C 146 17.75 -22.09 -16.61
N ILE C 147 18.68 -22.03 -15.64
CA ILE C 147 18.51 -21.25 -14.39
C ILE C 147 19.59 -20.16 -14.30
N ASN C 148 19.21 -19.00 -13.77
CA ASN C 148 20.18 -17.97 -13.41
C ASN C 148 19.83 -17.33 -12.07
N TRP C 149 20.75 -16.51 -11.56
CA TRP C 149 20.42 -15.67 -10.39
C TRP C 149 19.35 -14.68 -10.82
N THR C 150 18.33 -14.56 -9.97
CA THR C 150 17.29 -13.57 -10.24
C THR C 150 17.91 -12.22 -10.52
N THR C 151 18.96 -11.90 -9.78
CA THR C 151 19.59 -10.60 -9.81
C THR C 151 20.32 -10.33 -11.12
N VAL C 152 20.69 -11.37 -11.85
CA VAL C 152 21.22 -11.20 -13.19
C VAL C 152 20.11 -10.79 -14.17
N GLU C 153 18.91 -11.32 -13.99
CA GLU C 153 17.81 -10.90 -14.85
C GLU C 153 17.40 -9.45 -14.58
N LEU C 154 17.32 -9.05 -13.30
CA LEU C 154 16.88 -7.69 -12.99
C LEU C 154 17.82 -6.65 -13.58
N ASN C 155 19.12 -6.74 -13.27
CA ASN C 155 20.10 -5.75 -13.69
C ASN C 155 20.65 -5.98 -15.10
N HIS C 156 20.06 -6.89 -15.88
CA HIS C 156 20.36 -7.02 -17.30
C HIS C 156 21.84 -7.31 -17.55
N LEU C 157 22.37 -8.29 -16.83
CA LEU C 157 23.80 -8.57 -16.80
C LEU C 157 24.15 -9.72 -17.75
N MET C 158 25.29 -9.59 -18.45
CA MET C 158 25.76 -10.59 -19.41
C MET C 158 26.42 -11.74 -18.64
N VAL C 159 25.58 -12.56 -18.02
CA VAL C 159 26.03 -13.68 -17.20
C VAL C 159 25.27 -14.93 -17.63
N ASP C 160 26.02 -15.99 -18.01
CA ASP C 160 25.30 -17.13 -18.55
C ASP C 160 24.59 -17.94 -17.47
N PRO C 161 23.59 -18.72 -17.86
CA PRO C 161 22.90 -19.59 -16.92
C PRO C 161 23.63 -20.92 -16.73
N LEU C 162 23.18 -21.66 -15.72
CA LEU C 162 23.47 -23.09 -15.57
C LEU C 162 22.24 -23.90 -15.99
N VAL C 163 22.44 -25.21 -16.13
CA VAL C 163 21.41 -26.10 -16.67
C VAL C 163 21.10 -27.21 -15.67
N ILE C 164 19.81 -27.40 -15.38
CA ILE C 164 19.27 -28.49 -14.57
C ILE C 164 18.58 -29.50 -15.49
N THR C 165 18.83 -30.79 -15.25
CA THR C 165 18.15 -31.87 -15.94
C THR C 165 17.04 -32.47 -15.07
N ALA C 166 15.86 -32.64 -15.64
CA ALA C 166 14.76 -33.24 -14.91
C ALA C 166 14.01 -34.21 -15.82
N LYS C 167 13.32 -35.18 -15.22
CA LYS C 167 12.37 -35.99 -15.98
C LYS C 167 11.09 -35.22 -16.24
N TYR C 168 10.65 -34.44 -15.26
CA TYR C 168 9.50 -33.57 -15.45
C TYR C 168 9.79 -32.20 -14.84
N VAL C 169 9.20 -31.19 -15.47
CA VAL C 169 9.23 -29.82 -15.02
C VAL C 169 7.81 -29.43 -14.61
N VAL C 170 7.68 -28.65 -13.56
CA VAL C 170 6.39 -28.12 -13.15
C VAL C 170 6.47 -26.59 -13.22
N ASP C 171 5.75 -26.00 -14.16
CA ASP C 171 5.56 -24.55 -14.16
C ASP C 171 4.47 -24.21 -13.14
N ALA C 172 4.91 -23.80 -11.93
CA ALA C 172 4.03 -23.23 -10.92
C ALA C 172 4.41 -21.76 -10.63
N THR C 173 4.43 -20.96 -11.68
CA THR C 173 4.85 -19.56 -11.69
C THR C 173 3.71 -18.56 -11.44
N GLY C 174 2.48 -19.02 -11.25
CA GLY C 174 1.40 -18.08 -11.00
C GLY C 174 0.84 -17.51 -12.29
N HIS C 175 0.27 -16.31 -12.18
CA HIS C 175 -0.38 -15.64 -13.32
C HIS C 175 0.52 -15.55 -14.54
N ASP C 176 1.84 -15.52 -14.33
CA ASP C 176 2.76 -15.24 -15.42
C ASP C 176 2.89 -16.42 -16.36
N ALA C 177 2.69 -17.64 -15.88
CA ALA C 177 2.89 -18.83 -16.71
C ALA C 177 4.22 -18.71 -17.42
N SER C 178 5.26 -18.38 -16.64
CA SER C 178 6.51 -17.84 -17.17
C SER C 178 7.26 -18.86 -17.99
N VAL C 179 7.20 -20.14 -17.60
CA VAL C 179 8.02 -21.16 -18.25
C VAL C 179 7.36 -21.68 -19.52
N VAL C 180 6.05 -21.97 -19.47
CA VAL C 180 5.36 -22.41 -20.69
C VAL C 180 5.19 -21.26 -21.66
N SER C 181 4.95 -20.03 -21.18
CA SER C 181 5.02 -18.86 -22.07
C SER C 181 6.35 -18.80 -22.81
N THR C 182 7.44 -19.08 -22.11
CA THR C 182 8.75 -19.01 -22.73
C THR C 182 8.94 -20.13 -23.75
N LEU C 183 8.73 -21.38 -23.33
CA LEU C 183 8.77 -22.54 -24.20
C LEU C 183 7.99 -22.28 -25.50
N GLN C 184 6.69 -21.97 -25.35
CA GLN C 184 5.82 -21.53 -26.44
C GLN C 184 6.36 -20.37 -27.25
N ARG C 185 6.93 -19.36 -26.62
CA ARG C 185 7.33 -18.21 -27.43
C ARG C 185 8.61 -18.51 -28.23
N LYS C 186 9.51 -19.33 -27.71
CA LYS C 186 10.80 -19.48 -28.36
C LYS C 186 10.92 -20.72 -29.25
N ALA C 187 10.04 -21.71 -29.11
CA ALA C 187 10.15 -22.89 -29.93
C ALA C 187 9.22 -22.85 -31.14
N GLY C 188 8.20 -22.01 -31.11
CA GLY C 188 7.12 -22.16 -32.08
C GLY C 188 6.42 -23.51 -31.99
N ILE C 189 6.38 -24.10 -30.79
CA ILE C 189 5.62 -25.31 -30.49
C ILE C 189 4.15 -24.92 -30.39
N LYS C 190 3.30 -25.90 -30.08
CA LYS C 190 1.96 -25.60 -29.62
C LYS C 190 1.65 -26.40 -28.37
N LEU C 191 0.91 -25.78 -27.46
CA LEU C 191 0.47 -26.36 -26.20
C LEU C 191 -0.96 -26.89 -26.35
N ASN C 192 -1.49 -27.43 -25.25
CA ASN C 192 -2.92 -27.68 -25.12
C ASN C 192 -3.67 -26.44 -24.67
N VAL C 198 -0.65 -20.14 -24.79
CA VAL C 198 -0.95 -19.53 -23.49
C VAL C 198 -2.08 -18.55 -23.72
N VAL C 199 -3.30 -18.99 -23.42
CA VAL C 199 -4.47 -18.18 -23.77
C VAL C 199 -4.63 -16.96 -22.87
N GLY C 200 -4.05 -16.99 -21.68
CA GLY C 200 -4.26 -15.89 -20.75
C GLY C 200 -5.55 -16.07 -19.97
N GLU C 201 -5.50 -15.73 -18.69
CA GLU C 201 -6.64 -15.95 -17.81
C GLU C 201 -7.82 -15.06 -18.19
N LYS C 202 -9.00 -15.46 -17.78
CA LYS C 202 -10.20 -14.66 -17.95
C LYS C 202 -10.55 -13.96 -16.64
N PRO C 203 -11.40 -12.94 -16.69
CA PRO C 203 -11.87 -12.30 -15.44
C PRO C 203 -12.48 -13.30 -14.47
N LEU C 204 -12.77 -12.80 -13.28
CA LEU C 204 -13.01 -13.66 -12.12
C LEU C 204 -14.40 -14.30 -12.17
N TRP C 205 -14.43 -15.59 -11.86
CA TRP C 205 -15.64 -16.39 -11.59
C TRP C 205 -15.12 -17.51 -10.68
N ALA C 206 -15.20 -17.27 -9.37
CA ALA C 206 -14.43 -18.07 -8.42
C ALA C 206 -14.86 -19.54 -8.41
N SER C 207 -16.11 -19.84 -8.78
CA SER C 207 -16.59 -21.22 -8.74
C SER C 207 -16.06 -22.04 -9.91
N VAL C 208 -16.21 -21.55 -11.15
CA VAL C 208 -15.51 -22.19 -12.26
C VAL C 208 -14.01 -22.08 -12.05
N GLY C 209 -13.55 -21.01 -11.39
CA GLY C 209 -12.11 -20.84 -11.17
C GLY C 209 -11.49 -21.95 -10.34
N GLU C 210 -12.14 -22.36 -9.25
CA GLU C 210 -11.54 -23.38 -8.41
C GLU C 210 -11.81 -24.80 -8.91
N GLU C 211 -12.90 -25.01 -9.66
CA GLU C 211 -13.00 -26.24 -10.41
C GLU C 211 -11.98 -26.26 -11.53
N ASP C 212 -11.85 -25.14 -12.26
CA ASP C 212 -11.01 -25.12 -13.45
C ASP C 212 -9.53 -25.20 -13.13
N THR C 213 -9.11 -24.92 -11.90
CA THR C 213 -7.68 -25.01 -11.60
C THR C 213 -7.23 -26.47 -11.50
N VAL C 214 -8.07 -27.34 -10.95
CA VAL C 214 -7.65 -28.73 -10.85
C VAL C 214 -7.82 -29.44 -12.17
N LYS C 215 -8.85 -29.09 -12.93
CA LYS C 215 -9.02 -29.69 -14.24
C LYS C 215 -7.87 -29.35 -15.17
N ASN C 216 -7.35 -28.12 -15.07
CA ASN C 216 -6.35 -27.52 -15.94
C ASN C 216 -4.92 -27.82 -15.53
N SER C 217 -4.71 -28.45 -14.38
CA SER C 217 -3.35 -28.80 -13.97
C SER C 217 -2.98 -30.10 -14.67
N LYS C 218 -2.31 -29.97 -15.81
CA LYS C 218 -2.08 -31.07 -16.72
C LYS C 218 -0.73 -30.91 -17.39
N GLU C 219 -0.27 -31.99 -18.01
CA GLU C 219 0.91 -31.94 -18.86
C GLU C 219 0.50 -31.31 -20.19
N VAL C 220 0.86 -30.04 -20.39
CA VAL C 220 0.36 -29.30 -21.55
C VAL C 220 1.28 -29.41 -22.73
N PHE C 221 2.39 -30.10 -22.59
CA PHE C 221 3.40 -30.30 -23.61
C PHE C 221 4.32 -31.36 -23.02
N PRO C 222 4.90 -32.27 -23.83
CA PRO C 222 5.69 -33.37 -23.24
C PRO C 222 6.72 -32.89 -22.23
N GLY C 223 6.61 -33.37 -21.00
CA GLY C 223 7.61 -33.18 -19.98
C GLY C 223 7.35 -32.02 -19.03
N ILE C 224 6.33 -31.22 -19.27
CA ILE C 224 6.11 -30.02 -18.49
C ILE C 224 4.65 -29.96 -18.06
N TYR C 225 4.42 -30.03 -16.76
CA TYR C 225 3.12 -29.77 -16.17
C TYR C 225 2.99 -28.28 -15.84
N VAL C 226 1.75 -27.80 -15.80
CA VAL C 226 1.45 -26.51 -15.21
C VAL C 226 0.60 -26.75 -13.99
N SER C 227 0.92 -26.04 -12.90
CA SER C 227 0.15 -26.12 -11.68
C SER C 227 -0.43 -24.76 -11.32
N GLY C 228 -1.41 -24.78 -10.42
CA GLY C 228 -1.90 -23.56 -9.79
C GLY C 228 -2.37 -22.52 -10.77
N MET C 229 -2.20 -21.26 -10.39
CA MET C 229 -2.61 -20.15 -11.25
C MET C 229 -1.98 -20.21 -12.65
N ALA C 230 -0.79 -20.80 -12.77
CA ALA C 230 -0.18 -20.92 -14.10
C ALA C 230 -1.05 -21.76 -15.02
N ALA C 231 -1.76 -22.74 -14.45
CA ALA C 231 -2.62 -23.62 -15.22
C ALA C 231 -3.79 -22.85 -15.80
N ASN C 232 -4.39 -21.94 -15.01
CA ASN C 232 -5.53 -21.15 -15.49
C ASN C 232 -5.12 -20.19 -16.58
N ALA C 233 -3.99 -19.51 -16.43
CA ALA C 233 -3.53 -18.58 -17.46
C ALA C 233 -3.17 -19.28 -18.76
N THR C 234 -2.74 -20.55 -18.67
CA THR C 234 -2.31 -21.30 -19.84
C THR C 234 -3.52 -21.85 -20.59
N CYS C 235 -4.45 -22.45 -19.86
CA CYS C 235 -5.73 -22.92 -20.40
C CYS C 235 -6.80 -21.85 -20.20
N GLY C 236 -6.56 -20.70 -20.83
CA GLY C 236 -7.26 -19.43 -20.60
C GLY C 236 -8.59 -19.43 -19.87
N SER C 237 -8.59 -19.84 -18.61
CA SER C 237 -9.81 -19.93 -17.83
C SER C 237 -9.94 -18.74 -16.86
N HIS C 238 -10.95 -18.81 -16.01
CA HIS C 238 -11.23 -17.76 -15.04
C HIS C 238 -10.32 -17.90 -13.82
N ARG C 239 -9.89 -16.76 -13.27
CA ARG C 239 -9.26 -16.71 -11.97
C ARG C 239 -10.29 -16.95 -10.87
N MET C 240 -10.06 -16.44 -9.66
CA MET C 240 -10.86 -16.90 -8.53
C MET C 240 -10.78 -15.98 -7.31
N GLY C 241 -9.76 -15.14 -7.26
CA GLY C 241 -9.57 -14.24 -6.14
C GLY C 241 -8.88 -14.89 -4.96
N PRO C 242 -9.16 -14.39 -3.77
CA PRO C 242 -8.39 -14.82 -2.59
C PRO C 242 -8.89 -16.11 -1.96
N VAL C 243 -9.41 -17.01 -2.78
CA VAL C 243 -9.67 -18.39 -2.39
C VAL C 243 -8.50 -19.24 -2.87
N PHE C 244 -7.91 -20.01 -1.95
CA PHE C 244 -6.67 -20.71 -2.24
C PHE C 244 -6.85 -22.22 -2.33
N GLY C 245 -8.07 -22.73 -2.25
CA GLY C 245 -8.28 -24.16 -2.19
C GLY C 245 -7.78 -24.89 -3.43
N GLY C 246 -8.13 -24.38 -4.61
CA GLY C 246 -7.65 -25.02 -5.81
C GLY C 246 -6.17 -24.85 -6.08
N MET C 247 -5.53 -23.85 -5.47
CA MET C 247 -4.06 -23.76 -5.52
C MET C 247 -3.42 -24.93 -4.81
N LEU C 248 -3.91 -25.26 -3.61
CA LEU C 248 -3.37 -26.40 -2.88
C LEU C 248 -3.69 -27.72 -3.58
N MET C 249 -4.91 -27.86 -4.08
CA MET C 249 -5.32 -29.15 -4.61
C MET C 249 -4.62 -29.48 -5.92
N SER C 250 -4.40 -28.47 -6.77
CA SER C 250 -3.74 -28.73 -8.04
C SER C 250 -2.31 -29.18 -7.84
N GLY C 251 -1.65 -28.67 -6.80
CA GLY C 251 -0.30 -29.10 -6.50
C GLY C 251 -0.23 -30.56 -6.12
N LYS C 252 -1.18 -31.03 -5.30
CA LYS C 252 -1.31 -32.45 -5.04
C LYS C 252 -1.68 -33.22 -6.31
N LYS C 253 -2.63 -32.69 -7.09
CA LYS C 253 -3.02 -33.38 -8.33
C LYS C 253 -1.83 -33.59 -9.24
N VAL C 254 -1.07 -32.53 -9.54
CA VAL C 254 0.08 -32.64 -10.42
C VAL C 254 1.07 -33.65 -9.86
N ALA C 255 1.25 -33.65 -8.55
CA ALA C 255 2.21 -34.58 -7.95
C ALA C 255 1.77 -36.03 -8.13
N GLU C 256 0.47 -36.33 -7.94
CA GLU C 256 -0.03 -37.67 -8.19
C GLU C 256 0.19 -38.08 -9.64
N GLU C 257 -0.27 -37.27 -10.58
CA GLU C 257 -0.07 -37.57 -11.99
C GLU C 257 1.41 -37.84 -12.29
N ILE C 258 2.31 -36.98 -11.81
CA ILE C 258 3.73 -37.12 -12.15
C ILE C 258 4.31 -38.36 -11.52
N ALA C 259 3.94 -38.64 -10.26
CA ALA C 259 4.42 -39.84 -9.60
C ALA C 259 3.94 -41.10 -10.31
N ALA C 260 2.72 -41.09 -10.83
CA ALA C 260 2.21 -42.22 -11.60
C ALA C 260 2.98 -42.41 -12.90
N LYS C 261 3.18 -41.33 -13.68
CA LYS C 261 3.96 -41.46 -14.91
C LYS C 261 5.39 -41.84 -14.62
N LEU C 262 5.90 -41.55 -13.42
CA LEU C 262 7.27 -41.90 -13.06
C LEU C 262 7.40 -43.35 -12.60
N ASN C 263 6.28 -43.99 -12.28
CA ASN C 263 6.22 -45.45 -12.10
C ASN C 263 5.92 -46.16 -13.43
N GLN C 264 6.76 -45.91 -14.43
CA GLN C 264 6.65 -46.59 -15.72
C GLN C 264 7.82 -46.18 -16.62
N ASN D 3 -5.23 12.33 28.23
CA ASN D 3 -6.46 12.93 27.70
C ASN D 3 -7.07 12.09 26.56
N LEU D 4 -6.23 11.62 25.64
CA LEU D 4 -6.70 10.85 24.50
C LEU D 4 -6.04 9.48 24.45
N SER D 5 -6.81 8.50 24.03
CA SER D 5 -6.26 7.16 23.81
C SER D 5 -6.01 7.01 22.31
N GLU D 6 -4.73 7.03 21.95
CA GLU D 6 -4.33 6.62 20.61
C GLU D 6 -5.02 5.33 20.19
N VAL D 7 -5.22 4.41 21.15
CA VAL D 7 -5.91 3.16 20.89
C VAL D 7 -7.35 3.41 20.44
N VAL D 8 -8.03 4.38 21.05
CA VAL D 8 -9.42 4.63 20.68
C VAL D 8 -9.50 5.20 19.27
N ILE D 9 -8.59 6.10 18.91
CA ILE D 9 -8.61 6.63 17.56
C ILE D 9 -8.36 5.50 16.57
N SER D 10 -7.45 4.60 16.90
CA SER D 10 -7.15 3.52 15.96
C SER D 10 -8.31 2.53 15.87
N GLU D 11 -8.90 2.18 17.00
CA GLU D 11 -10.12 1.36 17.02
C GLU D 11 -11.17 1.96 16.10
N ALA D 12 -11.46 3.25 16.24
CA ALA D 12 -12.56 3.87 15.52
C ALA D 12 -12.31 3.91 14.01
N ILE D 13 -11.06 4.07 13.60
CA ILE D 13 -10.76 4.11 12.17
C ILE D 13 -10.86 2.71 11.57
N ILE D 14 -10.17 1.74 12.18
CA ILE D 14 -10.25 0.37 11.72
C ILE D 14 -11.70 -0.12 11.72
N THR D 15 -12.44 0.16 12.79
CA THR D 15 -13.82 -0.31 12.88
C THR D 15 -14.70 0.35 11.83
N ALA D 16 -14.61 1.67 11.70
CA ALA D 16 -15.48 2.37 10.78
C ALA D 16 -15.27 1.91 9.34
N PHE D 17 -14.01 1.98 8.87
CA PHE D 17 -13.70 1.59 7.50
C PHE D 17 -14.11 0.14 7.23
N MET D 18 -13.81 -0.77 8.17
CA MET D 18 -14.27 -2.15 8.06
C MET D 18 -15.77 -2.21 7.77
N GLU D 19 -16.56 -1.46 8.54
CA GLU D 19 -18.00 -1.40 8.30
C GLU D 19 -18.29 -0.87 6.91
N LYS D 20 -17.59 0.21 6.51
CA LYS D 20 -17.89 0.82 5.22
C LYS D 20 -17.59 -0.15 4.09
N LEU D 21 -16.48 -0.89 4.21
CA LEU D 21 -16.09 -1.84 3.18
C LEU D 21 -17.09 -2.99 3.08
N LYS D 22 -17.37 -3.65 4.21
CA LYS D 22 -18.33 -4.74 4.26
C LYS D 22 -19.68 -4.36 3.69
N SER D 23 -20.21 -3.20 4.07
CA SER D 23 -21.53 -2.83 3.59
C SER D 23 -21.56 -2.51 2.11
N HIS D 24 -20.43 -2.59 1.41
CA HIS D 24 -20.42 -2.33 -0.03
C HIS D 24 -19.82 -3.48 -0.81
N LEU D 25 -19.54 -4.61 -0.16
CA LEU D 25 -19.14 -5.79 -0.89
C LEU D 25 -20.21 -6.23 -1.87
N GLU D 26 -21.47 -5.86 -1.63
CA GLU D 26 -22.57 -6.00 -2.58
C GLU D 26 -23.24 -4.64 -2.70
N THR D 27 -23.27 -4.07 -3.90
CA THR D 27 -23.83 -2.75 -4.13
C THR D 27 -24.72 -2.78 -5.36
N ASP D 28 -25.53 -1.74 -5.52
CA ASP D 28 -26.28 -1.62 -6.76
C ASP D 28 -25.34 -1.25 -7.90
N VAL D 29 -24.48 -0.25 -7.69
CA VAL D 29 -23.65 0.31 -8.75
C VAL D 29 -22.25 0.54 -8.20
N ALA D 30 -21.27 -0.16 -8.78
CA ALA D 30 -19.86 0.10 -8.53
C ALA D 30 -19.34 1.00 -9.65
N ILE D 31 -18.98 2.23 -9.32
CA ILE D 31 -18.39 3.14 -10.30
C ILE D 31 -16.87 3.11 -10.15
N VAL D 32 -16.15 3.00 -11.26
CA VAL D 32 -14.68 2.98 -11.24
C VAL D 32 -14.20 4.34 -11.74
N GLY D 33 -13.55 5.10 -10.86
CA GLY D 33 -12.98 6.38 -11.27
C GLY D 33 -13.78 7.56 -10.78
N GLY D 34 -13.17 8.38 -9.92
CA GLY D 34 -13.83 9.55 -9.35
C GLY D 34 -13.51 10.85 -10.06
N GLY D 35 -13.42 10.80 -11.39
CA GLY D 35 -13.27 12.00 -12.19
C GLY D 35 -14.58 12.78 -12.24
N PRO D 36 -14.65 13.80 -13.08
CA PRO D 36 -15.93 14.53 -13.22
C PRO D 36 -17.12 13.61 -13.53
N SER D 37 -17.04 12.78 -14.57
CA SER D 37 -18.23 12.02 -14.96
C SER D 37 -18.56 10.93 -13.94
N GLY D 38 -17.56 10.24 -13.41
CA GLY D 38 -17.83 9.23 -12.39
C GLY D 38 -18.52 9.81 -11.16
N LEU D 39 -18.08 10.99 -10.72
CA LEU D 39 -18.66 11.57 -9.51
C LEU D 39 -20.13 11.98 -9.74
N VAL D 40 -20.41 12.64 -10.86
CA VAL D 40 -21.76 13.10 -11.12
C VAL D 40 -22.72 11.91 -11.19
N ALA D 41 -22.28 10.80 -11.80
CA ALA D 41 -23.13 9.62 -11.87
C ALA D 41 -23.40 9.05 -10.48
N GLY D 42 -22.39 9.07 -9.60
CA GLY D 42 -22.60 8.60 -8.24
C GLY D 42 -23.54 9.48 -7.46
N TYR D 43 -23.42 10.80 -7.63
CA TYR D 43 -24.37 11.72 -7.02
C TYR D 43 -25.80 11.35 -7.41
N TYR D 44 -26.11 11.41 -8.72
CA TYR D 44 -27.48 11.20 -9.17
C TYR D 44 -27.96 9.80 -8.81
N LEU D 45 -27.08 8.80 -8.86
CA LEU D 45 -27.48 7.46 -8.46
C LEU D 45 -27.75 7.37 -6.97
N ALA D 46 -26.99 8.10 -6.16
CA ALA D 46 -27.26 8.12 -4.73
C ALA D 46 -28.51 8.95 -4.44
N LYS D 47 -28.58 10.14 -5.07
CA LYS D 47 -29.72 11.02 -4.89
C LYS D 47 -31.04 10.31 -5.21
N LYS D 48 -31.02 9.36 -6.15
CA LYS D 48 -32.16 8.50 -6.41
C LYS D 48 -32.22 7.29 -5.48
N GLY D 49 -31.40 7.24 -4.44
CA GLY D 49 -31.55 6.24 -3.39
C GLY D 49 -30.88 4.90 -3.57
N TYR D 50 -29.98 4.74 -4.55
CA TYR D 50 -29.28 3.47 -4.75
C TYR D 50 -27.98 3.43 -3.95
N ARG D 51 -27.61 2.22 -3.48
CA ARG D 51 -26.35 2.01 -2.78
C ARG D 51 -25.19 2.05 -3.78
N VAL D 52 -24.33 3.07 -3.66
CA VAL D 52 -23.24 3.30 -4.60
C VAL D 52 -21.90 3.28 -3.90
N ALA D 53 -20.92 2.66 -4.55
CA ALA D 53 -19.52 2.73 -4.19
C ALA D 53 -18.72 3.29 -5.36
N ILE D 54 -17.71 4.09 -5.08
CA ILE D 54 -16.80 4.60 -6.10
C ILE D 54 -15.40 4.15 -5.73
N PHE D 55 -14.69 3.57 -6.69
CA PHE D 55 -13.34 3.06 -6.49
C PHE D 55 -12.38 3.91 -7.31
N GLU D 56 -11.51 4.65 -6.62
CA GLU D 56 -10.67 5.67 -7.22
C GLU D 56 -9.21 5.30 -7.00
N ARG D 57 -8.45 5.30 -8.10
CA ARG D 57 -7.07 4.81 -8.07
C ARG D 57 -6.18 5.67 -7.17
N ARG D 58 -6.31 6.99 -7.26
CA ARG D 58 -5.52 7.94 -6.52
C ARG D 58 -6.17 8.31 -5.19
N LEU D 59 -5.36 8.84 -4.27
CA LEU D 59 -5.91 9.20 -2.97
C LEU D 59 -6.94 10.32 -3.08
N SER D 60 -6.80 11.18 -4.08
CA SER D 60 -7.71 12.29 -4.28
C SER D 60 -8.56 12.02 -5.52
N ILE D 61 -9.87 12.15 -5.35
CA ILE D 61 -10.81 12.21 -6.45
C ILE D 61 -10.57 13.42 -7.33
N GLY D 62 -11.29 13.50 -8.43
CA GLY D 62 -11.38 14.69 -9.25
C GLY D 62 -10.79 14.53 -10.61
N GLY D 63 -9.92 13.56 -10.79
CA GLY D 63 -9.39 13.25 -12.12
C GLY D 63 -8.71 14.44 -12.74
N GLY D 64 -8.95 14.62 -14.05
CA GLY D 64 -8.21 15.58 -14.85
C GLY D 64 -8.66 16.99 -14.70
N MET D 65 -9.62 17.19 -13.80
CA MET D 65 -10.34 18.44 -13.60
C MET D 65 -9.70 19.37 -12.56
N TRP D 66 -8.77 18.88 -11.73
CA TRP D 66 -8.12 19.79 -10.77
C TRP D 66 -7.43 20.94 -11.48
N ALA D 67 -6.80 20.64 -12.61
CA ALA D 67 -5.86 21.56 -13.21
C ALA D 67 -6.44 22.34 -14.37
N GLY D 68 -7.76 22.32 -14.54
CA GLY D 68 -8.40 22.97 -15.67
C GLY D 68 -7.73 22.57 -16.97
N ALA D 69 -6.84 23.43 -17.46
CA ALA D 69 -6.02 23.11 -18.63
C ALA D 69 -4.64 23.74 -18.46
N MET D 70 -3.59 22.92 -18.51
CA MET D 70 -2.20 23.37 -18.47
C MET D 70 -1.88 24.10 -17.15
N PHE D 71 -2.45 23.59 -16.05
CA PHE D 71 -2.41 24.16 -14.70
C PHE D 71 -3.17 25.48 -14.59
N PHE D 72 -3.72 26.00 -15.69
CA PHE D 72 -4.56 27.20 -15.65
C PHE D 72 -5.92 26.82 -15.06
N ASN D 73 -6.03 27.00 -13.75
CA ASN D 73 -7.11 26.58 -12.84
C ASN D 73 -8.57 26.84 -13.27
N GLU D 74 -8.87 27.02 -14.54
CA GLU D 74 -10.25 27.31 -14.97
C GLU D 74 -10.78 26.22 -15.88
N ILE D 75 -12.06 25.90 -15.73
CA ILE D 75 -12.72 24.92 -16.59
C ILE D 75 -13.91 25.57 -17.29
N VAL D 76 -13.97 25.42 -18.62
CA VAL D 76 -15.10 25.91 -19.39
C VAL D 76 -16.19 24.84 -19.48
N VAL D 77 -17.43 25.26 -19.29
CA VAL D 77 -18.59 24.47 -19.68
C VAL D 77 -19.46 25.33 -20.57
N GLN D 78 -20.19 24.67 -21.44
CA GLN D 78 -21.22 25.30 -22.26
C GLN D 78 -22.58 25.07 -21.57
N GLU D 79 -23.66 25.49 -22.24
CA GLU D 79 -24.97 25.53 -21.59
C GLU D 79 -25.42 24.15 -21.13
N MET D 80 -24.99 23.09 -21.82
CA MET D 80 -25.45 21.73 -21.49
C MET D 80 -25.08 21.36 -20.06
N GLY D 81 -23.81 21.47 -19.71
CA GLY D 81 -23.39 21.23 -18.34
C GLY D 81 -23.61 22.40 -17.41
N ARG D 82 -24.09 23.52 -17.95
CA ARG D 82 -24.33 24.72 -17.15
C ARG D 82 -25.49 24.55 -16.18
N GLU D 83 -26.48 23.71 -16.54
CA GLU D 83 -27.52 23.39 -15.58
C GLU D 83 -27.04 22.37 -14.56
N ILE D 84 -26.14 21.47 -14.96
CA ILE D 84 -25.56 20.52 -14.01
C ILE D 84 -24.83 21.27 -12.91
N LEU D 85 -24.15 22.36 -13.27
CA LEU D 85 -23.43 23.19 -12.32
C LEU D 85 -24.35 23.85 -11.31
N ASP D 86 -25.66 23.84 -11.53
CA ASP D 86 -26.59 24.47 -10.59
C ASP D 86 -27.18 23.49 -9.61
N GLU D 87 -27.32 22.21 -9.97
CA GLU D 87 -27.76 21.26 -8.95
C GLU D 87 -26.73 21.16 -7.83
N PHE D 88 -25.45 21.50 -8.12
CA PHE D 88 -24.38 21.38 -7.13
C PHE D 88 -24.03 22.69 -6.46
N GLY D 89 -24.43 23.83 -7.02
CA GLY D 89 -24.04 25.10 -6.45
C GLY D 89 -22.64 25.52 -6.78
N VAL D 90 -22.14 25.19 -7.97
CA VAL D 90 -20.84 25.66 -8.44
C VAL D 90 -21.04 27.04 -9.02
N ASN D 91 -20.47 28.06 -8.40
CA ASN D 91 -20.60 29.39 -8.96
C ASN D 91 -19.81 29.51 -10.26
N TYR D 92 -20.31 30.33 -11.20
CA TYR D 92 -19.63 30.53 -12.48
C TYR D 92 -19.94 31.92 -13.03
N ARG D 93 -19.12 32.39 -13.99
CA ARG D 93 -19.45 33.53 -14.84
C ARG D 93 -19.46 33.06 -16.30
N GLU D 94 -20.04 33.84 -17.20
CA GLU D 94 -19.88 33.51 -18.61
C GLU D 94 -18.75 34.37 -19.16
N PHE D 95 -18.04 33.83 -20.14
CA PHE D 95 -16.99 34.58 -20.81
C PHE D 95 -17.53 35.23 -22.08
N LYS D 96 -17.97 34.42 -23.03
CA LYS D 96 -18.70 34.89 -24.21
C LYS D 96 -20.03 34.14 -24.25
N PRO D 97 -20.99 34.53 -25.08
CA PRO D 97 -22.33 33.93 -24.95
C PRO D 97 -22.33 32.42 -25.14
N GLY D 98 -22.88 31.72 -24.14
CA GLY D 98 -22.94 30.27 -24.13
C GLY D 98 -21.75 29.56 -23.50
N TYR D 99 -20.71 30.28 -23.11
CA TYR D 99 -19.49 29.72 -22.54
C TYR D 99 -19.34 30.19 -21.09
N TYR D 100 -19.03 29.25 -20.19
CA TYR D 100 -19.02 29.55 -18.76
C TYR D 100 -17.72 29.10 -18.12
N LEU D 101 -17.28 29.89 -17.14
CA LEU D 101 -16.01 29.66 -16.45
C LEU D 101 -16.31 29.39 -14.99
N ALA D 102 -15.81 28.27 -14.48
CA ALA D 102 -15.80 28.02 -13.05
C ALA D 102 -14.37 27.72 -12.63
N ASP D 103 -14.05 28.09 -11.39
CA ASP D 103 -12.77 27.68 -10.84
C ASP D 103 -12.71 26.16 -10.77
N ALA D 104 -11.59 25.60 -11.24
CA ALA D 104 -11.47 24.15 -11.31
C ALA D 104 -11.49 23.51 -9.93
N VAL D 105 -10.98 24.20 -8.91
CA VAL D 105 -10.89 23.58 -7.59
C VAL D 105 -12.25 23.61 -6.91
N GLU D 106 -12.92 24.77 -6.96
CA GLU D 106 -14.29 24.87 -6.44
C GLU D 106 -15.19 23.82 -7.09
N ALA D 107 -15.17 23.73 -8.41
CA ALA D 107 -16.06 22.80 -9.07
C ALA D 107 -15.75 21.36 -8.66
N THR D 108 -14.47 20.98 -8.67
CA THR D 108 -14.11 19.61 -8.31
C THR D 108 -14.57 19.26 -6.90
N THR D 109 -14.26 20.11 -5.91
CA THR D 109 -14.54 19.76 -4.52
C THR D 109 -16.02 19.85 -4.21
N THR D 110 -16.72 20.81 -4.82
CA THR D 110 -18.16 20.96 -4.61
C THR D 110 -18.94 19.78 -5.17
N ILE D 111 -18.67 19.39 -6.42
CA ILE D 111 -19.30 18.19 -6.96
C ILE D 111 -18.96 16.99 -6.09
N ALA D 112 -17.69 16.92 -5.68
CA ALA D 112 -17.23 15.80 -4.85
C ALA D 112 -17.95 15.75 -3.51
N SER D 113 -18.02 16.88 -2.81
CA SER D 113 -18.70 16.91 -1.52
C SER D 113 -20.15 16.46 -1.64
N LYS D 114 -20.89 17.02 -2.61
CA LYS D 114 -22.32 16.73 -2.63
C LYS D 114 -22.60 15.30 -3.04
N ALA D 115 -21.71 14.69 -3.83
CA ALA D 115 -21.92 13.29 -4.20
C ALA D 115 -21.70 12.37 -3.01
N VAL D 116 -20.67 12.64 -2.21
CA VAL D 116 -20.43 11.77 -1.05
C VAL D 116 -21.43 12.06 0.06
N LYS D 117 -21.93 13.30 0.14
CA LYS D 117 -23.02 13.60 1.07
C LYS D 117 -24.32 12.93 0.66
N ALA D 118 -24.57 12.77 -0.65
CA ALA D 118 -25.77 12.08 -1.09
C ALA D 118 -25.74 10.60 -0.78
N GLY D 119 -24.56 10.03 -0.53
CA GLY D 119 -24.49 8.63 -0.13
C GLY D 119 -23.50 7.84 -0.95
N ALA D 120 -22.88 8.48 -1.93
CA ALA D 120 -21.80 7.86 -2.68
C ALA D 120 -20.62 7.58 -1.74
N THR D 121 -20.27 6.31 -1.58
CA THR D 121 -19.20 5.92 -0.68
C THR D 121 -17.92 5.79 -1.49
N VAL D 122 -16.91 6.61 -1.17
CA VAL D 122 -15.68 6.65 -1.95
C VAL D 122 -14.58 5.84 -1.28
N PHE D 123 -13.96 4.95 -2.06
CA PHE D 123 -12.77 4.21 -1.68
C PHE D 123 -11.63 4.73 -2.56
N ASN D 124 -10.69 5.45 -1.97
CA ASN D 124 -9.55 5.99 -2.70
C ASN D 124 -8.28 5.16 -2.45
N GLY D 125 -7.33 5.28 -3.38
CA GLY D 125 -6.17 4.40 -3.34
C GLY D 125 -6.50 2.98 -3.73
N VAL D 126 -7.63 2.76 -4.41
CA VAL D 126 -8.08 1.42 -4.75
C VAL D 126 -8.19 1.32 -6.28
N THR D 127 -7.54 0.32 -6.85
CA THR D 127 -7.62 0.07 -8.28
C THR D 127 -8.66 -1.03 -8.57
N ALA D 128 -9.56 -0.76 -9.51
CA ALA D 128 -10.29 -1.87 -10.11
C ALA D 128 -9.40 -2.45 -11.19
N GLU D 129 -9.03 -3.73 -11.03
CA GLU D 129 -8.12 -4.37 -11.96
C GLU D 129 -8.77 -5.41 -12.86
N ASP D 130 -9.96 -5.88 -12.53
CA ASP D 130 -10.61 -6.83 -13.41
C ASP D 130 -12.11 -6.68 -13.09
N VAL D 131 -12.98 -7.29 -13.92
CA VAL D 131 -14.39 -7.43 -13.53
C VAL D 131 -14.62 -8.86 -13.07
N VAL D 132 -15.76 -9.08 -12.44
CA VAL D 132 -16.31 -10.42 -12.25
C VAL D 132 -17.21 -10.74 -13.45
N LEU D 133 -16.96 -11.86 -14.11
CA LEU D 133 -17.66 -12.23 -15.33
C LEU D 133 -18.31 -13.59 -15.13
N LYS D 134 -19.62 -13.65 -15.29
CA LYS D 134 -20.40 -14.73 -14.72
C LYS D 134 -21.72 -14.90 -15.47
N GLN D 135 -22.05 -16.16 -15.77
CA GLN D 135 -23.16 -16.48 -16.67
C GLN D 135 -24.50 -16.25 -15.99
N VAL D 136 -25.29 -15.33 -16.54
CA VAL D 136 -26.63 -15.03 -16.06
C VAL D 136 -27.60 -15.37 -17.18
N ASN D 137 -28.69 -16.09 -16.82
CA ASN D 137 -29.73 -16.61 -17.71
C ASN D 137 -29.30 -16.89 -19.15
N GLY D 138 -28.09 -17.40 -19.35
CA GLY D 138 -27.61 -17.69 -20.70
C GLY D 138 -26.94 -16.49 -21.32
N GLN D 139 -26.18 -15.77 -20.50
CA GLN D 139 -25.45 -14.59 -20.93
C GLN D 139 -24.29 -14.45 -19.96
N TYR D 140 -23.09 -14.26 -20.48
CA TYR D 140 -22.03 -13.65 -19.69
C TYR D 140 -22.36 -12.20 -19.34
N ARG D 141 -22.23 -11.88 -18.06
CA ARG D 141 -22.60 -10.57 -17.54
C ARG D 141 -21.55 -10.08 -16.54
N VAL D 142 -21.11 -8.83 -16.70
CA VAL D 142 -20.29 -8.19 -15.68
C VAL D 142 -21.10 -8.11 -14.39
N CYS D 143 -20.56 -8.68 -13.32
CA CYS D 143 -21.27 -8.86 -12.05
C CYS D 143 -20.60 -8.16 -10.89
N GLY D 144 -19.59 -7.35 -11.13
CA GLY D 144 -18.82 -6.76 -10.06
C GLY D 144 -17.37 -6.61 -10.46
N LEU D 145 -16.56 -6.27 -9.46
CA LEU D 145 -15.20 -5.78 -9.67
C LEU D 145 -14.20 -6.58 -8.87
N VAL D 146 -12.95 -6.53 -9.34
CA VAL D 146 -11.82 -7.11 -8.64
C VAL D 146 -10.92 -5.93 -8.22
N ILE D 147 -10.81 -5.67 -6.91
CA ILE D 147 -10.16 -4.45 -6.42
C ILE D 147 -8.89 -4.79 -5.66
N ASN D 148 -7.89 -3.93 -5.83
CA ASN D 148 -6.66 -4.00 -5.08
C ASN D 148 -6.26 -2.56 -4.72
N TRP D 149 -5.27 -2.45 -3.80
CA TRP D 149 -4.60 -1.17 -3.54
C TRP D 149 -3.73 -0.78 -4.71
N THR D 150 -3.86 0.49 -5.12
CA THR D 150 -3.02 1.07 -6.17
C THR D 150 -1.53 0.77 -5.96
N THR D 151 -1.06 0.81 -4.71
CA THR D 151 0.36 0.56 -4.45
C THR D 151 0.77 -0.86 -4.79
N VAL D 152 -0.16 -1.81 -4.70
CA VAL D 152 0.15 -3.18 -5.10
C VAL D 152 0.40 -3.24 -6.61
N GLU D 153 -0.35 -2.48 -7.41
CA GLU D 153 -0.15 -2.57 -8.85
C GLU D 153 1.14 -1.84 -9.24
N LEU D 154 1.32 -0.65 -8.65
CA LEU D 154 2.43 0.24 -8.93
C LEU D 154 3.77 -0.42 -8.63
N ASN D 155 3.86 -1.16 -7.52
CA ASN D 155 5.09 -1.80 -7.07
C ASN D 155 5.18 -3.28 -7.47
N HIS D 156 4.23 -3.78 -8.25
CA HIS D 156 4.20 -5.18 -8.68
C HIS D 156 4.43 -6.14 -7.51
N LEU D 157 3.55 -6.03 -6.52
CA LEU D 157 3.59 -6.86 -5.33
C LEU D 157 2.65 -8.03 -5.52
N MET D 158 3.05 -9.21 -5.03
CA MET D 158 2.21 -10.39 -5.19
C MET D 158 1.18 -10.38 -4.07
N VAL D 159 0.16 -9.55 -4.26
CA VAL D 159 -0.93 -9.38 -3.29
C VAL D 159 -2.24 -9.65 -4.01
N ASP D 160 -3.00 -10.65 -3.53
CA ASP D 160 -4.25 -10.96 -4.17
C ASP D 160 -5.31 -9.88 -3.91
N PRO D 161 -6.20 -9.66 -4.87
CA PRO D 161 -7.27 -8.67 -4.71
C PRO D 161 -8.43 -9.22 -3.90
N LEU D 162 -9.33 -8.32 -3.53
CA LEU D 162 -10.67 -8.69 -3.13
C LEU D 162 -11.64 -8.46 -4.27
N VAL D 163 -12.88 -8.81 -4.04
CA VAL D 163 -13.93 -8.74 -5.04
C VAL D 163 -15.17 -8.14 -4.42
N ILE D 164 -15.79 -7.20 -5.14
CA ILE D 164 -17.13 -6.77 -4.82
C ILE D 164 -18.07 -7.16 -5.96
N THR D 165 -19.35 -7.25 -5.63
CA THR D 165 -20.41 -7.48 -6.60
C THR D 165 -21.28 -6.24 -6.71
N ALA D 166 -21.73 -5.97 -7.92
CA ALA D 166 -22.64 -4.86 -8.17
C ALA D 166 -23.61 -5.31 -9.23
N LYS D 167 -24.70 -4.56 -9.39
CA LYS D 167 -25.61 -4.84 -10.48
C LYS D 167 -25.21 -4.11 -11.73
N TYR D 168 -24.52 -2.99 -11.56
CA TYR D 168 -23.94 -2.29 -12.69
C TYR D 168 -22.59 -1.75 -12.29
N VAL D 169 -21.69 -1.78 -13.24
CA VAL D 169 -20.36 -1.20 -13.10
C VAL D 169 -20.29 -0.07 -14.11
N VAL D 170 -19.79 1.09 -13.68
CA VAL D 170 -19.58 2.21 -14.57
C VAL D 170 -18.08 2.42 -14.76
N ASP D 171 -17.58 2.10 -15.95
CA ASP D 171 -16.21 2.47 -16.31
C ASP D 171 -16.19 3.96 -16.62
N ALA D 172 -15.72 4.75 -15.66
CA ALA D 172 -15.46 6.18 -15.85
C ALA D 172 -13.99 6.43 -15.54
N THR D 173 -13.09 5.78 -16.26
CA THR D 173 -11.66 5.84 -15.96
C THR D 173 -10.90 6.81 -16.85
N GLY D 174 -11.60 7.71 -17.53
CA GLY D 174 -11.01 8.62 -18.49
C GLY D 174 -10.52 7.89 -19.74
N HIS D 175 -9.67 8.62 -20.48
CA HIS D 175 -8.95 8.15 -21.66
C HIS D 175 -8.57 6.67 -21.62
N ASP D 176 -8.08 6.18 -20.47
CA ASP D 176 -7.64 4.80 -20.37
C ASP D 176 -8.71 3.79 -20.76
N ALA D 177 -9.99 4.14 -20.59
CA ALA D 177 -11.07 3.16 -20.70
C ALA D 177 -10.69 1.85 -20.02
N SER D 178 -10.21 1.99 -18.76
CA SER D 178 -9.38 0.96 -18.15
C SER D 178 -10.13 -0.35 -17.90
N VAL D 179 -11.40 -0.28 -17.49
CA VAL D 179 -12.09 -1.51 -17.11
C VAL D 179 -12.55 -2.27 -18.34
N VAL D 180 -13.14 -1.57 -19.33
CA VAL D 180 -13.61 -2.27 -20.53
C VAL D 180 -12.43 -2.83 -21.31
N SER D 181 -11.30 -2.11 -21.34
CA SER D 181 -10.09 -2.63 -21.98
C SER D 181 -9.68 -3.98 -21.40
N THR D 182 -9.78 -4.15 -20.08
CA THR D 182 -9.43 -5.42 -19.48
C THR D 182 -10.46 -6.47 -19.78
N LEU D 183 -11.74 -6.11 -19.66
CA LEU D 183 -12.81 -6.98 -20.10
C LEU D 183 -12.52 -7.60 -21.47
N GLN D 184 -12.16 -6.78 -22.47
CA GLN D 184 -12.09 -7.30 -23.84
C GLN D 184 -10.93 -8.28 -24.01
N ARG D 185 -9.74 -7.96 -23.45
CA ARG D 185 -8.54 -8.75 -23.71
C ARG D 185 -8.57 -10.01 -22.86
N LYS D 186 -8.99 -9.95 -21.60
CA LYS D 186 -8.89 -11.20 -20.85
C LYS D 186 -9.98 -12.21 -21.21
N ALA D 187 -11.12 -11.73 -21.70
CA ALA D 187 -12.25 -12.60 -21.89
C ALA D 187 -12.60 -12.85 -23.36
N GLY D 188 -12.08 -12.04 -24.28
CA GLY D 188 -12.35 -12.23 -25.69
C GLY D 188 -13.78 -11.99 -26.07
N ILE D 189 -14.52 -11.26 -25.23
CA ILE D 189 -15.88 -10.84 -25.52
C ILE D 189 -15.84 -9.78 -26.61
N LYS D 190 -17.01 -9.33 -27.05
CA LYS D 190 -17.10 -8.15 -27.90
C LYS D 190 -17.88 -7.06 -27.20
N LEU D 191 -17.55 -5.81 -27.51
CA LEU D 191 -18.24 -4.64 -27.00
C LEU D 191 -19.16 -4.08 -28.08
N ASN D 192 -20.21 -3.38 -27.64
CA ASN D 192 -21.19 -2.74 -28.52
C ASN D 192 -20.54 -1.50 -29.16
N THR D 193 -19.70 -1.77 -30.16
CA THR D 193 -18.91 -0.74 -30.82
C THR D 193 -18.63 -1.21 -32.25
N GLU D 194 -18.00 -0.33 -33.06
CA GLU D 194 -18.01 -0.57 -34.50
C GLU D 194 -17.23 -1.86 -34.78
N THR D 195 -16.09 -2.00 -34.11
CA THR D 195 -15.13 -3.09 -34.23
C THR D 195 -15.40 -4.25 -33.27
N GLY D 196 -16.25 -4.06 -32.27
CA GLY D 196 -16.30 -4.98 -31.15
C GLY D 196 -15.26 -4.75 -30.08
N CYS D 197 -14.28 -3.86 -30.30
CA CYS D 197 -13.23 -3.57 -29.34
C CYS D 197 -13.27 -2.11 -28.90
N VAL D 198 -12.48 -1.82 -27.87
CA VAL D 198 -12.16 -0.45 -27.55
C VAL D 198 -11.53 0.13 -28.80
N VAL D 199 -12.19 1.11 -29.44
CA VAL D 199 -11.72 1.60 -30.72
C VAL D 199 -10.54 2.54 -30.53
N GLY D 200 -10.56 3.34 -29.47
CA GLY D 200 -9.58 4.39 -29.23
C GLY D 200 -10.11 5.74 -29.64
N GLU D 201 -9.78 6.79 -28.89
CA GLU D 201 -10.28 8.11 -29.20
C GLU D 201 -9.66 8.66 -30.49
N LYS D 202 -10.43 9.48 -31.20
CA LYS D 202 -9.93 10.20 -32.36
C LYS D 202 -9.39 11.56 -31.94
N PRO D 203 -8.64 12.24 -32.83
CA PRO D 203 -8.16 13.61 -32.56
C PRO D 203 -9.24 14.57 -32.11
N LEU D 204 -8.88 15.84 -31.91
CA LEU D 204 -9.78 16.76 -31.23
C LEU D 204 -10.75 17.45 -32.19
N TRP D 205 -12.02 17.50 -31.76
CA TRP D 205 -13.08 18.24 -32.44
C TRP D 205 -14.15 18.51 -31.38
N ALA D 206 -14.12 19.72 -30.82
CA ALA D 206 -14.84 19.99 -29.57
C ALA D 206 -16.34 19.91 -29.74
N SER D 207 -16.87 20.27 -30.92
CA SER D 207 -18.31 20.27 -31.13
C SER D 207 -18.85 18.85 -31.28
N VAL D 208 -18.16 18.01 -32.06
CA VAL D 208 -18.58 16.62 -32.22
C VAL D 208 -18.22 15.81 -30.98
N GLY D 209 -17.06 16.11 -30.38
CA GLY D 209 -16.60 15.37 -29.22
C GLY D 209 -17.59 15.41 -28.08
N GLU D 210 -18.06 16.61 -27.73
CA GLU D 210 -19.03 16.74 -26.64
C GLU D 210 -20.38 16.18 -27.02
N GLU D 211 -20.76 16.26 -28.30
CA GLU D 211 -21.99 15.62 -28.74
C GLU D 211 -21.90 14.10 -28.60
N ASP D 212 -20.80 13.50 -29.07
CA ASP D 212 -20.68 12.05 -29.01
C ASP D 212 -20.48 11.50 -27.60
N THR D 213 -20.16 12.33 -26.61
CA THR D 213 -19.91 11.76 -25.28
C THR D 213 -21.21 11.33 -24.62
N VAL D 214 -22.27 12.13 -24.74
CA VAL D 214 -23.54 11.71 -24.15
C VAL D 214 -24.13 10.56 -24.95
N LYS D 215 -23.84 10.48 -26.26
CA LYS D 215 -24.37 9.41 -27.08
C LYS D 215 -23.66 8.09 -26.81
N ASN D 216 -22.34 8.13 -26.61
CA ASN D 216 -21.56 6.92 -26.34
C ASN D 216 -21.62 6.48 -24.87
N SER D 217 -22.18 7.29 -23.99
CA SER D 217 -22.33 6.86 -22.60
C SER D 217 -23.48 5.86 -22.54
N LYS D 218 -23.16 4.58 -22.67
CA LYS D 218 -24.17 3.55 -22.85
C LYS D 218 -23.63 2.23 -22.36
N GLU D 219 -24.52 1.25 -22.23
CA GLU D 219 -24.10 -0.10 -21.94
C GLU D 219 -23.33 -0.65 -23.14
N VAL D 220 -22.10 -1.10 -22.92
CA VAL D 220 -21.27 -1.62 -24.00
C VAL D 220 -21.14 -3.14 -23.92
N PHE D 221 -21.65 -3.76 -22.88
CA PHE D 221 -21.61 -5.19 -22.64
C PHE D 221 -22.50 -5.40 -21.43
N PRO D 222 -23.19 -6.53 -21.33
CA PRO D 222 -24.15 -6.70 -20.22
C PRO D 222 -23.53 -6.44 -18.86
N GLY D 223 -24.07 -5.44 -18.16
CA GLY D 223 -23.72 -5.16 -16.79
C GLY D 223 -22.72 -4.04 -16.60
N ILE D 224 -22.27 -3.38 -17.66
CA ILE D 224 -21.25 -2.35 -17.54
C ILE D 224 -21.53 -1.20 -18.51
N TYR D 225 -21.54 0.03 -17.98
CA TYR D 225 -21.60 1.24 -18.79
C TYR D 225 -20.23 1.88 -18.90
N VAL D 226 -20.07 2.75 -19.90
CA VAL D 226 -18.97 3.70 -19.97
C VAL D 226 -19.58 5.09 -19.96
N SER D 227 -18.89 6.05 -19.34
CA SER D 227 -19.22 7.46 -19.42
C SER D 227 -17.95 8.28 -19.38
N GLY D 228 -18.06 9.54 -19.78
CA GLY D 228 -16.91 10.42 -19.74
C GLY D 228 -15.99 10.19 -20.93
N MET D 229 -14.73 10.55 -20.74
CA MET D 229 -13.74 10.29 -21.77
C MET D 229 -13.65 8.79 -22.10
N ALA D 230 -13.94 7.92 -21.14
CA ALA D 230 -13.90 6.49 -21.44
C ALA D 230 -14.93 6.11 -22.49
N ALA D 231 -16.06 6.82 -22.54
CA ALA D 231 -17.09 6.57 -23.54
C ALA D 231 -16.55 6.88 -24.93
N ASN D 232 -15.96 8.07 -25.09
CA ASN D 232 -15.35 8.44 -26.36
C ASN D 232 -14.21 7.51 -26.75
N ALA D 233 -13.40 7.09 -25.77
CA ALA D 233 -12.28 6.20 -26.05
C ALA D 233 -12.77 4.81 -26.46
N THR D 234 -13.84 4.33 -25.84
CA THR D 234 -14.31 3.00 -26.15
C THR D 234 -14.94 2.95 -27.54
N CYS D 235 -15.70 3.97 -27.90
CA CYS D 235 -16.49 3.95 -29.12
C CYS D 235 -15.76 4.61 -30.30
N GLY D 236 -14.65 5.28 -30.07
CA GLY D 236 -13.86 5.82 -31.15
C GLY D 236 -14.28 7.18 -31.65
N SER D 237 -14.64 8.08 -30.74
CA SER D 237 -15.08 9.42 -31.08
C SER D 237 -13.99 10.44 -30.81
N HIS D 238 -14.26 11.69 -31.19
CA HIS D 238 -13.32 12.77 -30.98
C HIS D 238 -13.30 13.21 -29.53
N ARG D 239 -12.08 13.43 -29.01
CA ARG D 239 -11.94 14.16 -27.77
C ARG D 239 -12.36 15.61 -27.98
N MET D 240 -12.46 16.37 -26.88
CA MET D 240 -12.98 17.72 -26.97
C MET D 240 -12.07 18.78 -26.37
N GLY D 241 -11.11 18.42 -25.53
CA GLY D 241 -10.28 19.41 -24.86
C GLY D 241 -10.92 19.84 -23.56
N PRO D 242 -10.49 20.99 -23.04
CA PRO D 242 -10.88 21.42 -21.68
C PRO D 242 -12.24 22.10 -21.66
N VAL D 243 -13.26 21.33 -21.98
CA VAL D 243 -14.65 21.72 -21.75
C VAL D 243 -15.33 20.54 -21.08
N PHE D 244 -16.04 20.80 -19.99
CA PHE D 244 -16.44 19.72 -19.12
C PHE D 244 -17.94 19.49 -19.12
N GLY D 245 -18.66 20.10 -20.08
CA GLY D 245 -20.10 19.91 -20.14
C GLY D 245 -20.50 18.50 -20.55
N GLY D 246 -19.83 17.94 -21.55
CA GLY D 246 -20.04 16.54 -21.87
C GLY D 246 -19.82 15.64 -20.67
N MET D 247 -18.68 15.81 -19.97
CA MET D 247 -18.34 14.93 -18.85
C MET D 247 -19.39 14.97 -17.75
N LEU D 248 -19.93 16.15 -17.45
CA LEU D 248 -20.97 16.22 -16.42
C LEU D 248 -22.29 15.66 -16.94
N MET D 249 -22.70 16.06 -18.15
CA MET D 249 -23.92 15.51 -18.73
C MET D 249 -23.81 14.00 -18.88
N SER D 250 -22.65 13.51 -19.32
CA SER D 250 -22.40 12.08 -19.42
C SER D 250 -22.75 11.34 -18.13
N GLY D 251 -22.35 11.87 -16.98
CA GLY D 251 -22.61 11.18 -15.73
C GLY D 251 -24.09 11.16 -15.37
N LYS D 252 -24.79 12.28 -15.59
CA LYS D 252 -26.22 12.30 -15.30
C LYS D 252 -26.97 11.33 -16.18
N LYS D 253 -26.63 11.29 -17.47
CA LYS D 253 -27.31 10.39 -18.40
C LYS D 253 -27.15 8.94 -17.97
N VAL D 254 -25.95 8.54 -17.55
CA VAL D 254 -25.71 7.14 -17.24
C VAL D 254 -26.45 6.74 -15.98
N ALA D 255 -26.50 7.64 -14.99
CA ALA D 255 -27.19 7.30 -13.75
C ALA D 255 -28.68 7.15 -13.97
N GLU D 256 -29.26 8.01 -14.81
CA GLU D 256 -30.67 7.89 -15.16
C GLU D 256 -30.96 6.59 -15.90
N GLU D 257 -30.13 6.23 -16.87
CA GLU D 257 -30.33 4.97 -17.59
C GLU D 257 -30.19 3.77 -16.65
N ILE D 258 -29.19 3.79 -15.78
CA ILE D 258 -29.04 2.67 -14.85
C ILE D 258 -30.15 2.68 -13.83
N ALA D 259 -30.57 3.88 -13.41
CA ALA D 259 -31.69 4.00 -12.48
C ALA D 259 -32.96 3.40 -13.07
N ALA D 260 -33.30 3.80 -14.31
CA ALA D 260 -34.46 3.19 -14.98
C ALA D 260 -34.34 1.67 -15.05
N LYS D 261 -33.21 1.17 -15.58
CA LYS D 261 -33.02 -0.29 -15.70
C LYS D 261 -33.18 -0.99 -14.36
N LEU D 262 -32.93 -0.29 -13.26
CA LEU D 262 -33.02 -0.92 -11.95
C LEU D 262 -34.45 -0.99 -11.44
N ASN D 263 -35.35 -0.14 -11.95
CA ASN D 263 -36.80 -0.36 -11.84
C ASN D 263 -37.31 -1.02 -13.13
N GLN D 264 -36.97 -2.29 -13.28
CA GLN D 264 -37.31 -3.06 -14.45
C GLN D 264 -38.84 -3.20 -14.60
#